data_4HG5
#
_entry.id   4HG5
#
_cell.length_a   65.498
_cell.length_b   125.840
_cell.length_c   77.879
_cell.angle_alpha   90.00
_cell.angle_beta   95.41
_cell.angle_gamma   90.00
#
_symmetry.space_group_name_H-M   'P 1 21 1'
#
loop_
_entity.id
_entity.type
_entity.pdbx_description
1 polymer 'Probable hydrolase NIT2'
2 non-polymer 'OXALOACETATE ION'
3 non-polymer GLYCEROL
4 non-polymer 'CACODYLATE ION'
5 water water
#
_entity_poly.entity_id   1
_entity_poly.type   'polypeptide(L)'
_entity_poly.pdbx_seq_one_letter_code
;MGSSHHHHHHSSGLVPRGSHMASMTGGQQMGRGSMTSKLKRVAVAQLCSSADLTKNLKVVKELISEAIQKKADVVFLPEA
SDYLSQNPLHSRYLAQKSPKFIRQLQSSITDLVRDNSRNIDVSIGVHLPPSEQDLLEGNDRVRNVLLYIDHEGKILQEYQ
KLHLFDVDVPNGPILKESKSVQPGKAIPDIIESPLGKLGSAICYDIRFPEFSLKLRSMGAEILCFPSAFTIKTGEAHWEL
LGRARAVDTQCYVLMPGQVGMHDLSDPEWEKQSHMSALEKSSRRESWGHSMVIDPWGKIIAHADPSTVGPQLILADLDRE
LLQEIRNKMPLWNQRRDDLFH
;
_entity_poly.pdbx_strand_id   A,B,C,D
#
# COMPACT_ATOMS: atom_id res chain seq x y z
N LYS A 38 30.15 14.93 -15.65
CA LYS A 38 29.81 13.86 -16.62
C LYS A 38 29.43 12.54 -15.92
N LEU A 39 29.73 12.46 -14.63
CA LEU A 39 29.39 11.29 -13.81
C LEU A 39 28.36 11.66 -12.76
N LYS A 40 27.50 10.70 -12.41
CA LYS A 40 26.47 10.93 -11.40
C LYS A 40 26.56 9.90 -10.28
N ARG A 41 26.53 10.38 -9.04
CA ARG A 41 26.76 9.53 -7.87
C ARG A 41 25.48 8.95 -7.28
N VAL A 42 25.46 7.63 -7.15
CA VAL A 42 24.34 6.93 -6.51
C VAL A 42 24.77 6.32 -5.18
N ALA A 43 23.84 6.28 -4.23
CA ALA A 43 24.03 5.53 -2.99
C ALA A 43 23.02 4.40 -2.89
N VAL A 44 23.49 3.23 -2.47
CA VAL A 44 22.65 2.06 -2.29
C VAL A 44 22.79 1.60 -0.85
N ALA A 45 21.67 1.50 -0.15
CA ALA A 45 21.67 1.15 1.27
C ALA A 45 21.35 -0.32 1.48
N GLN A 46 22.03 -0.90 2.47
CA GLN A 46 21.75 -2.25 2.94
C GLN A 46 21.38 -2.13 4.41
N LEU A 47 20.31 -2.78 4.83
CA LEU A 47 19.88 -2.70 6.23
C LEU A 47 19.18 -3.96 6.71
N CYS A 48 18.81 -3.98 8.00
CA CYS A 48 18.17 -5.14 8.61
C CYS A 48 16.92 -4.69 9.37
N SER A 49 15.78 -4.68 8.68
CA SER A 49 14.53 -4.19 9.28
C SER A 49 14.07 -5.08 10.44
N SER A 50 13.62 -4.43 11.50
CA SER A 50 12.93 -5.10 12.60
C SER A 50 11.42 -4.86 12.44
N ALA A 51 10.63 -5.28 13.42
CA ALA A 51 9.20 -4.99 13.41
C ALA A 51 8.92 -3.61 14.03
N ASP A 52 9.97 -2.96 14.52
CA ASP A 52 9.86 -1.67 15.21
C ASP A 52 10.08 -0.52 14.23
N LEU A 53 8.99 0.11 13.82
CA LEU A 53 9.04 1.19 12.82
C LEU A 53 9.86 2.40 13.26
N THR A 54 9.80 2.71 14.56
CA THR A 54 10.60 3.82 15.12
C THR A 54 12.11 3.55 15.02
N LYS A 55 12.51 2.33 15.40
CA LYS A 55 13.91 1.93 15.30
C LYS A 55 14.37 1.89 13.83
N ASN A 56 13.53 1.34 12.96
CA ASN A 56 13.83 1.31 11.51
C ASN A 56 13.99 2.70 10.90
N LEU A 57 13.14 3.63 11.32
CA LEU A 57 13.23 5.02 10.84
C LEU A 57 14.57 5.67 11.20
N LYS A 58 15.03 5.44 12.42
CA LYS A 58 16.31 5.96 12.90
C LYS A 58 17.45 5.53 11.95
N VAL A 59 17.47 4.24 11.61
CA VAL A 59 18.46 3.67 10.70
C VAL A 59 18.37 4.28 9.31
N VAL A 60 17.14 4.37 8.78
CA VAL A 60 16.91 4.95 7.46
C VAL A 60 17.40 6.41 7.45
N LYS A 61 17.09 7.15 8.50
CA LYS A 61 17.49 8.56 8.60
C LYS A 61 19.01 8.73 8.58
N GLU A 62 19.71 7.85 9.30
CA GLU A 62 21.18 7.87 9.35
C GLU A 62 21.78 7.59 7.99
N LEU A 63 21.21 6.63 7.26
CA LEU A 63 21.71 6.25 5.94
C LEU A 63 21.53 7.37 4.92
N ILE A 64 20.38 8.04 4.95
CA ILE A 64 20.12 9.16 4.06
C ILE A 64 21.06 10.31 4.39
N SER A 65 21.25 10.57 5.69
CA SER A 65 22.20 11.58 6.16
C SER A 65 23.61 11.30 5.64
N GLU A 66 24.04 10.05 5.73
CA GLU A 66 25.34 9.62 5.22
C GLU A 66 25.43 9.81 3.71
N ALA A 67 24.36 9.47 3.00
CA ALA A 67 24.29 9.66 1.54
C ALA A 67 24.48 11.11 1.11
N ILE A 68 23.83 12.05 1.81
CA ILE A 68 23.98 13.48 1.51
C ILE A 68 25.40 13.95 1.77
N GLN A 69 25.99 13.50 2.88
CA GLN A 69 27.36 13.85 3.23
C GLN A 69 28.34 13.30 2.19
N LYS A 70 28.01 12.18 1.58
CA LYS A 70 28.83 11.57 0.54
C LYS A 70 28.48 12.12 -0.85
N LYS A 71 27.56 13.07 -0.89
CA LYS A 71 27.17 13.78 -2.11
C LYS A 71 26.53 12.89 -3.18
N ALA A 72 25.77 11.90 -2.74
CA ALA A 72 24.96 11.08 -3.64
C ALA A 72 23.76 11.90 -4.09
N ASP A 73 23.39 11.76 -5.37
CA ASP A 73 22.24 12.50 -5.90
C ASP A 73 20.92 11.81 -5.57
N VAL A 74 20.96 10.48 -5.45
CA VAL A 74 19.82 9.67 -5.06
C VAL A 74 20.30 8.52 -4.17
N VAL A 75 19.51 8.17 -3.18
CA VAL A 75 19.80 7.03 -2.31
C VAL A 75 18.66 5.99 -2.42
N PHE A 76 19.04 4.74 -2.62
CA PHE A 76 18.10 3.63 -2.78
C PHE A 76 18.16 2.70 -1.58
N LEU A 77 17.01 2.50 -0.93
CA LEU A 77 16.89 1.64 0.23
C LEU A 77 16.09 0.39 -0.15
N PRO A 78 16.26 -0.72 0.61
CA PRO A 78 15.63 -1.99 0.25
C PRO A 78 14.11 -2.04 0.39
N GLU A 79 13.51 -3.11 -0.13
CA GLU A 79 12.12 -3.46 0.12
C GLU A 79 11.93 -3.55 1.63
N ALA A 80 10.73 -3.21 2.11
CA ALA A 80 10.34 -3.37 3.51
C ALA A 80 11.27 -2.63 4.48
N SER A 81 11.66 -1.42 4.10
CA SER A 81 12.52 -0.57 4.92
C SER A 81 11.77 0.04 6.10
N ASP A 82 10.44 0.01 6.05
CA ASP A 82 9.64 0.45 7.19
C ASP A 82 9.52 -0.64 8.25
N TYR A 83 9.27 -1.88 7.81
CA TYR A 83 9.14 -3.00 8.73
C TYR A 83 9.15 -4.35 8.02
N LEU A 84 9.48 -5.39 8.78
CA LEU A 84 9.18 -6.76 8.42
C LEU A 84 8.36 -7.37 9.55
N SER A 85 7.47 -8.29 9.21
CA SER A 85 6.47 -8.78 10.17
C SER A 85 6.60 -10.28 10.43
N GLN A 86 5.88 -10.75 11.45
CA GLN A 86 5.92 -12.15 11.86
C GLN A 86 5.01 -13.04 11.03
N ASN A 87 3.87 -12.47 10.60
CA ASN A 87 2.86 -13.21 9.85
C ASN A 87 1.90 -12.23 9.17
N PRO A 88 0.95 -12.74 8.36
CA PRO A 88 0.04 -11.83 7.64
C PRO A 88 -0.80 -10.91 8.53
N LEU A 89 -1.15 -11.38 9.73
CA LEU A 89 -1.93 -10.54 10.65
C LEU A 89 -1.06 -9.42 11.20
N HIS A 90 0.19 -9.74 11.47
CA HIS A 90 1.16 -8.77 11.96
C HIS A 90 1.41 -7.67 10.94
N SER A 91 1.54 -8.07 9.67
CA SER A 91 1.81 -7.13 8.58
C SER A 91 0.72 -6.06 8.48
N ARG A 92 -0.53 -6.51 8.55
CA ARG A 92 -1.70 -5.62 8.47
C ARG A 92 -1.71 -4.62 9.62
N TYR A 93 -1.29 -5.09 10.79
CA TYR A 93 -1.21 -4.25 11.99
C TYR A 93 -0.13 -3.19 11.86
N LEU A 94 1.04 -3.60 11.36
CA LEU A 94 2.16 -2.66 11.17
C LEU A 94 1.93 -1.67 10.04
N ALA A 95 1.25 -2.10 8.98
CA ALA A 95 0.94 -1.24 7.83
C ALA A 95 0.13 -0.02 8.25
N GLN A 96 -0.66 -0.17 9.30
CA GLN A 96 -1.42 0.94 9.87
C GLN A 96 -0.52 2.05 10.44
N LYS A 97 0.72 1.70 10.77
CA LYS A 97 1.72 2.62 11.33
C LYS A 97 2.61 3.22 10.24
N SER A 98 2.56 2.65 9.04
CA SER A 98 3.41 3.08 7.93
C SER A 98 3.16 4.51 7.43
N PRO A 99 1.88 4.95 7.32
CA PRO A 99 1.68 6.35 6.89
C PRO A 99 2.38 7.38 7.77
N LYS A 100 2.42 7.15 9.09
CA LYS A 100 3.14 8.03 10.02
C LYS A 100 4.66 7.97 9.77
N PHE A 101 5.19 6.76 9.64
CA PHE A 101 6.59 6.52 9.22
C PHE A 101 6.95 7.35 7.96
N ILE A 102 6.08 7.31 6.96
CA ILE A 102 6.35 7.98 5.70
C ILE A 102 6.34 9.51 5.87
N ARG A 103 5.38 10.02 6.63
CA ARG A 103 5.29 11.46 6.90
C ARG A 103 6.51 11.96 7.68
N GLN A 104 6.95 11.16 8.65
CA GLN A 104 8.15 11.47 9.42
C GLN A 104 9.38 11.43 8.54
N LEU A 105 9.41 10.49 7.60
CA LEU A 105 10.49 10.36 6.63
C LEU A 105 10.55 11.55 5.68
N GLN A 106 9.40 11.95 5.15
CA GLN A 106 9.29 13.12 4.28
C GLN A 106 9.87 14.35 4.99
N SER A 107 9.49 14.53 6.26
CA SER A 107 9.98 15.63 7.08
C SER A 107 11.48 15.53 7.34
N SER A 108 11.96 14.30 7.57
CA SER A 108 13.38 14.05 7.83
C SER A 108 14.24 14.39 6.62
N ILE A 109 13.74 14.05 5.44
CA ILE A 109 14.41 14.36 4.18
C ILE A 109 14.55 15.87 3.97
N THR A 110 13.45 16.62 4.11
CA THR A 110 13.51 18.08 3.99
C THR A 110 14.43 18.70 5.03
N ASP A 111 14.41 18.17 6.25
CA ASP A 111 15.30 18.65 7.31
C ASP A 111 16.76 18.43 6.97
N LEU A 112 17.05 17.25 6.43
CA LEU A 112 18.42 16.88 6.03
C LEU A 112 18.91 17.71 4.84
N VAL A 113 18.02 17.94 3.88
CA VAL A 113 18.32 18.77 2.72
C VAL A 113 18.64 20.21 3.15
N ARG A 114 17.80 20.76 4.01
CA ARG A 114 17.98 22.12 4.56
C ARG A 114 19.30 22.24 5.35
N ASP A 115 19.56 21.28 6.24
CA ASP A 115 20.73 21.34 7.13
C ASP A 115 22.06 21.14 6.41
N ASN A 116 22.03 20.44 5.27
CA ASN A 116 23.24 20.19 4.49
C ASN A 116 23.34 21.10 3.26
N SER A 117 22.34 21.95 3.07
CA SER A 117 22.24 22.86 1.91
C SER A 117 22.48 22.11 0.59
N ARG A 118 21.94 20.90 0.50
CA ARG A 118 22.22 20.01 -0.62
C ARG A 118 21.04 19.09 -0.86
N ASN A 119 20.71 18.89 -2.14
CA ASN A 119 19.55 18.08 -2.54
C ASN A 119 19.84 16.59 -2.58
N ILE A 120 18.85 15.79 -2.17
CA ILE A 120 18.87 14.35 -2.43
C ILE A 120 17.45 13.83 -2.66
N ASP A 121 17.35 12.83 -3.53
CA ASP A 121 16.10 12.10 -3.70
C ASP A 121 16.23 10.72 -3.08
N VAL A 122 15.11 10.16 -2.66
CA VAL A 122 15.10 8.89 -1.92
C VAL A 122 14.12 7.91 -2.56
N SER A 123 14.62 6.72 -2.84
CA SER A 123 13.79 5.59 -3.27
C SER A 123 13.78 4.57 -2.14
N ILE A 124 12.60 4.20 -1.67
CA ILE A 124 12.49 3.36 -0.47
C ILE A 124 11.28 2.43 -0.50
N GLY A 125 11.51 1.16 -0.17
CA GLY A 125 10.43 0.19 -0.05
C GLY A 125 9.72 0.30 1.29
N VAL A 126 8.40 0.46 1.24
CA VAL A 126 7.58 0.51 2.45
C VAL A 126 6.34 -0.36 2.27
N HIS A 127 5.47 -0.35 3.26
CA HIS A 127 4.15 -0.98 3.12
C HIS A 127 3.11 0.10 3.30
N LEU A 128 1.93 -0.13 2.74
CA LEU A 128 0.81 0.76 2.96
C LEU A 128 -0.47 -0.04 3.22
N PRO A 129 -1.35 0.49 4.09
CA PRO A 129 -2.60 -0.22 4.35
C PRO A 129 -3.52 -0.21 3.13
N PRO A 130 -4.49 -1.14 3.08
CA PRO A 130 -5.47 -1.14 2.00
C PRO A 130 -6.31 0.13 1.98
N SER A 131 -6.76 0.52 0.80
CA SER A 131 -7.65 1.67 0.66
C SER A 131 -9.10 1.30 1.01
N GLU A 132 -9.94 2.32 1.16
CA GLU A 132 -11.38 2.13 1.35
C GLU A 132 -11.99 1.30 0.21
N GLN A 133 -11.58 1.58 -1.02
CA GLN A 133 -12.04 0.82 -2.18
C GLN A 133 -11.60 -0.64 -2.14
N ASP A 134 -10.36 -0.89 -1.68
CA ASP A 134 -9.87 -2.24 -1.45
C ASP A 134 -10.73 -2.97 -0.42
N LEU A 135 -11.01 -2.28 0.70
CA LEU A 135 -11.78 -2.88 1.79
C LEU A 135 -13.21 -3.21 1.36
N LEU A 136 -13.81 -2.33 0.58
CA LEU A 136 -15.16 -2.58 0.04
C LEU A 136 -15.19 -3.82 -0.87
N GLU A 137 -14.06 -4.11 -1.53
CA GLU A 137 -13.96 -5.28 -2.40
C GLU A 137 -13.51 -6.54 -1.65
N GLY A 138 -13.45 -6.45 -0.33
CA GLY A 138 -13.01 -7.57 0.51
C GLY A 138 -11.51 -7.84 0.44
N ASN A 139 -10.74 -6.81 0.09
CA ASN A 139 -9.29 -6.93 0.01
C ASN A 139 -8.59 -6.11 1.10
N ASP A 140 -8.36 -6.73 2.26
CA ASP A 140 -7.69 -6.06 3.37
C ASP A 140 -6.16 -6.30 3.41
N ARG A 141 -5.60 -6.74 2.29
CA ARG A 141 -4.15 -7.00 2.23
C ARG A 141 -3.35 -5.71 2.09
N VAL A 142 -2.10 -5.74 2.55
CA VAL A 142 -1.25 -4.55 2.52
C VAL A 142 -0.67 -4.37 1.13
N ARG A 143 -0.26 -3.14 0.83
CA ARG A 143 0.42 -2.81 -0.41
C ARG A 143 1.92 -2.80 -0.17
N ASN A 144 2.65 -3.60 -0.95
CA ASN A 144 4.12 -3.58 -0.94
C ASN A 144 4.53 -2.54 -1.97
N VAL A 145 4.99 -1.37 -1.50
CA VAL A 145 5.20 -0.24 -2.42
C VAL A 145 6.62 0.34 -2.38
N LEU A 146 7.08 0.78 -3.55
CA LEU A 146 8.37 1.43 -3.69
C LEU A 146 8.08 2.91 -3.85
N LEU A 147 8.52 3.71 -2.88
CA LEU A 147 8.30 5.15 -2.93
C LEU A 147 9.49 5.86 -3.55
N TYR A 148 9.20 6.83 -4.42
CA TYR A 148 10.22 7.79 -4.84
C TYR A 148 9.86 9.14 -4.24
N ILE A 149 10.76 9.67 -3.41
CA ILE A 149 10.55 10.94 -2.72
C ILE A 149 11.65 11.92 -3.13
N ASP A 150 11.26 13.12 -3.54
CA ASP A 150 12.25 14.12 -3.97
C ASP A 150 12.76 14.97 -2.78
N HIS A 151 13.70 15.86 -3.05
CA HIS A 151 14.32 16.72 -2.02
C HIS A 151 13.36 17.66 -1.29
N GLU A 152 12.19 17.92 -1.87
CA GLU A 152 11.14 18.73 -1.23
C GLU A 152 10.17 17.87 -0.41
N GLY A 153 10.47 16.57 -0.32
CA GLY A 153 9.62 15.63 0.41
C GLY A 153 8.36 15.22 -0.33
N LYS A 154 8.29 15.56 -1.61
CA LYS A 154 7.14 15.20 -2.43
C LYS A 154 7.29 13.76 -2.90
N ILE A 155 6.23 12.96 -2.72
CA ILE A 155 6.22 11.60 -3.26
C ILE A 155 5.89 11.68 -4.76
N LEU A 156 6.82 11.23 -5.59
CA LEU A 156 6.64 11.28 -7.04
C LEU A 156 6.01 10.00 -7.61
N GLN A 157 6.22 8.90 -6.92
CA GLN A 157 5.71 7.60 -7.35
C GLN A 157 5.51 6.67 -6.18
N GLU A 158 4.44 5.87 -6.26
CA GLU A 158 4.20 4.74 -5.40
C GLU A 158 3.99 3.55 -6.31
N TYR A 159 5.04 2.77 -6.54
CA TYR A 159 4.93 1.57 -7.34
C TYR A 159 4.51 0.40 -6.45
N GLN A 160 3.36 -0.17 -6.75
CA GLN A 160 2.86 -1.33 -6.01
C GLN A 160 3.31 -2.63 -6.68
N LYS A 161 4.04 -3.44 -5.91
CA LYS A 161 4.71 -4.65 -6.40
C LYS A 161 3.78 -5.54 -7.21
N LEU A 162 4.26 -5.97 -8.37
CA LEU A 162 3.43 -6.68 -9.33
C LEU A 162 3.46 -8.19 -9.16
N HIS A 163 4.65 -8.73 -8.88
CA HIS A 163 4.85 -10.18 -8.75
C HIS A 163 5.13 -10.54 -7.31
N LEU A 164 4.30 -11.41 -6.75
CA LEU A 164 4.41 -11.72 -5.34
C LEU A 164 5.08 -13.06 -5.08
N PHE A 165 5.91 -13.09 -4.05
CA PHE A 165 6.74 -14.23 -3.72
C PHE A 165 5.94 -15.35 -3.05
N ASP A 166 5.35 -16.22 -3.88
CA ASP A 166 4.66 -17.41 -3.43
C ASP A 166 5.45 -18.64 -3.90
N VAL A 167 6.39 -19.09 -3.06
CA VAL A 167 7.27 -20.21 -3.42
C VAL A 167 7.64 -21.11 -2.25
N ASP A 168 7.84 -22.40 -2.55
CA ASP A 168 8.41 -23.36 -1.62
C ASP A 168 9.94 -23.28 -1.75
N VAL A 169 10.59 -22.68 -0.76
CA VAL A 169 12.05 -22.53 -0.74
C VAL A 169 12.75 -23.89 -0.63
N PRO A 170 13.70 -24.17 -1.55
CA PRO A 170 14.48 -25.42 -1.51
C PRO A 170 15.22 -25.57 -0.18
N ASN A 171 15.02 -26.71 0.48
CA ASN A 171 15.48 -26.94 1.85
C ASN A 171 15.23 -25.69 2.71
N GLY A 172 13.96 -25.27 2.73
CA GLY A 172 13.54 -24.06 3.43
C GLY A 172 12.04 -24.04 3.63
N PRO A 173 11.50 -22.89 4.07
CA PRO A 173 10.06 -22.78 4.36
C PRO A 173 9.18 -22.55 3.12
N ILE A 174 7.90 -22.88 3.25
CA ILE A 174 6.89 -22.47 2.27
C ILE A 174 6.54 -21.00 2.54
N LEU A 175 6.68 -20.15 1.51
CA LEU A 175 6.40 -18.73 1.63
C LEU A 175 5.28 -18.27 0.70
N LYS A 176 4.33 -17.52 1.23
CA LYS A 176 3.20 -17.03 0.43
C LYS A 176 2.93 -15.55 0.67
N GLU A 177 3.63 -14.69 -0.08
CA GLU A 177 3.47 -13.24 0.07
C GLU A 177 2.03 -12.80 -0.15
N SER A 178 1.32 -13.45 -1.07
CA SER A 178 -0.06 -13.08 -1.42
C SER A 178 -1.07 -13.18 -0.25
N LYS A 179 -0.68 -13.85 0.83
CA LYS A 179 -1.54 -13.92 2.02
C LYS A 179 -1.57 -12.59 2.77
N SER A 180 -0.50 -11.82 2.67
CA SER A 180 -0.42 -10.53 3.37
C SER A 180 -0.47 -9.33 2.43
N VAL A 181 -0.05 -9.55 1.17
CA VAL A 181 0.16 -8.46 0.23
C VAL A 181 -0.75 -8.57 -0.99
N GLN A 182 -1.30 -7.44 -1.41
CA GLN A 182 -2.11 -7.37 -2.61
C GLN A 182 -1.24 -6.96 -3.80
N PRO A 183 -1.33 -7.70 -4.92
CA PRO A 183 -0.54 -7.38 -6.10
C PRO A 183 -0.98 -6.07 -6.78
N GLY A 184 0.00 -5.32 -7.28
CA GLY A 184 -0.28 -4.08 -8.01
C GLY A 184 -0.98 -4.34 -9.33
N LYS A 185 -1.44 -3.26 -9.97
CA LYS A 185 -2.18 -3.38 -11.22
C LYS A 185 -1.63 -2.44 -12.29
N ALA A 186 -0.47 -1.85 -12.04
CA ALA A 186 0.08 -0.83 -12.94
C ALA A 186 1.57 -1.02 -13.20
N ILE A 187 1.99 -0.76 -14.44
CA ILE A 187 3.41 -0.71 -14.76
C ILE A 187 3.93 0.65 -14.30
N PRO A 188 5.04 0.67 -13.53
CA PRO A 188 5.59 1.93 -13.03
C PRO A 188 6.09 2.82 -14.15
N ASP A 189 5.80 4.12 -14.04
CA ASP A 189 6.31 5.11 -14.98
C ASP A 189 7.81 5.25 -14.80
N ILE A 190 8.49 5.60 -15.88
CA ILE A 190 9.92 5.91 -15.84
C ILE A 190 10.07 7.24 -15.09
N ILE A 191 10.94 7.25 -14.09
CA ILE A 191 11.18 8.45 -13.30
C ILE A 191 12.40 9.19 -13.85
N GLU A 192 12.24 10.48 -14.14
CA GLU A 192 13.37 11.30 -14.57
C GLU A 192 14.13 11.78 -13.34
N SER A 193 15.01 10.92 -12.82
CA SER A 193 15.75 11.18 -11.60
C SER A 193 17.02 11.99 -11.90
N PRO A 194 17.62 12.59 -10.86
CA PRO A 194 18.92 13.28 -11.01
C PRO A 194 20.03 12.41 -11.61
N LEU A 195 19.86 11.09 -11.61
CA LEU A 195 20.86 10.17 -12.17
C LEU A 195 20.60 9.82 -13.64
N GLY A 196 19.36 10.04 -14.09
CA GLY A 196 18.90 9.60 -15.39
C GLY A 196 17.57 8.88 -15.28
N LYS A 197 17.17 8.20 -16.35
CA LYS A 197 15.85 7.61 -16.43
C LYS A 197 15.80 6.32 -15.63
N LEU A 198 14.91 6.30 -14.64
CA LEU A 198 14.83 5.24 -13.65
C LEU A 198 13.63 4.34 -13.88
N GLY A 199 13.90 3.04 -13.99
CA GLY A 199 12.86 2.02 -14.02
C GLY A 199 12.82 1.33 -12.67
N SER A 200 11.62 1.23 -12.09
CA SER A 200 11.50 0.73 -10.73
C SER A 200 10.83 -0.65 -10.66
N ALA A 201 11.38 -1.51 -9.83
CA ALA A 201 10.80 -2.82 -9.58
C ALA A 201 11.12 -3.23 -8.15
N ILE A 202 10.65 -4.27 -7.68
CA ILE A 202 10.83 -4.81 -6.34
C ILE A 202 11.09 -6.30 -6.47
N CYS A 203 12.13 -6.82 -5.71
CA CYS A 203 12.44 -8.22 -5.31
C CYS A 203 12.21 -9.22 -6.34
N TYR A 204 10.98 -9.87 -6.21
CA TYR A 204 10.50 -11.01 -7.03
C TYR A 204 10.25 -10.48 -8.45
N ASP A 205 9.91 -9.25 -8.64
CA ASP A 205 9.83 -8.73 -9.97
C ASP A 205 11.05 -9.03 -10.89
N ILE A 206 12.23 -9.15 -10.30
CA ILE A 206 13.49 -9.40 -11.03
C ILE A 206 13.47 -10.69 -11.85
N ARG A 207 12.66 -11.67 -11.43
CA ARG A 207 12.65 -12.99 -12.05
C ARG A 207 11.83 -13.06 -13.33
N PHE A 208 11.14 -11.96 -13.66
CA PHE A 208 10.26 -11.89 -14.82
C PHE A 208 10.85 -10.93 -15.85
N PRO A 209 11.74 -11.45 -16.73
CA PRO A 209 12.54 -10.60 -17.63
C PRO A 209 11.73 -9.63 -18.48
N GLU A 210 10.50 -9.99 -18.85
CA GLU A 210 9.63 -9.13 -19.67
C GLU A 210 9.35 -7.77 -19.01
N PHE A 211 9.34 -7.76 -17.67
CA PHE A 211 9.15 -6.53 -16.91
C PHE A 211 10.35 -5.59 -17.13
N SER A 212 11.56 -6.08 -16.88
CA SER A 212 12.76 -5.27 -17.08
C SER A 212 12.88 -4.83 -18.53
N LEU A 213 12.50 -5.74 -19.43
CA LEU A 213 12.52 -5.44 -20.87
C LEU A 213 11.55 -4.30 -21.21
N LYS A 214 10.38 -4.31 -20.59
CA LYS A 214 9.39 -3.24 -20.77
C LYS A 214 9.95 -1.90 -20.27
N LEU A 215 10.59 -1.93 -19.11
CA LEU A 215 11.16 -0.72 -18.52
C LEU A 215 12.20 -0.10 -19.44
N ARG A 216 13.09 -0.91 -19.99
CA ARG A 216 14.04 -0.43 -20.99
C ARG A 216 13.34 0.12 -22.25
N SER A 217 12.36 -0.63 -22.76
CA SER A 217 11.55 -0.17 -23.91
C SER A 217 10.95 1.22 -23.69
N MET A 218 10.56 1.49 -22.44
CA MET A 218 9.93 2.77 -22.09
C MET A 218 10.94 3.90 -21.95
N GLY A 219 12.21 3.52 -21.81
CA GLY A 219 13.29 4.49 -21.83
C GLY A 219 14.25 4.46 -20.65
N ALA A 220 14.11 3.45 -19.78
CA ALA A 220 14.97 3.31 -18.59
C ALA A 220 16.45 3.21 -18.95
N GLU A 221 17.27 3.86 -18.11
CA GLU A 221 18.73 3.77 -18.19
C GLU A 221 19.28 3.10 -16.93
N ILE A 222 18.47 3.11 -15.88
CA ILE A 222 18.82 2.55 -14.56
C ILE A 222 17.64 1.73 -14.06
N LEU A 223 17.91 0.50 -13.63
CA LEU A 223 16.90 -0.34 -13.01
C LEU A 223 17.22 -0.51 -11.52
N CYS A 224 16.20 -0.49 -10.67
CA CYS A 224 16.42 -0.85 -9.27
C CYS A 224 15.54 -2.01 -8.84
N PHE A 225 16.12 -2.88 -8.03
CA PHE A 225 15.40 -4.02 -7.47
C PHE A 225 15.59 -4.10 -5.95
N PRO A 226 15.05 -3.12 -5.20
CA PRO A 226 15.11 -3.22 -3.74
C PRO A 226 14.44 -4.52 -3.30
N SER A 227 15.10 -5.25 -2.41
CA SER A 227 14.72 -6.63 -2.12
C SER A 227 14.89 -7.02 -0.66
N ALA A 228 14.21 -8.10 -0.30
CA ALA A 228 14.46 -8.87 0.90
C ALA A 228 14.56 -10.33 0.44
N PHE A 229 15.75 -10.72 -0.01
CA PHE A 229 15.98 -11.99 -0.68
C PHE A 229 16.36 -13.06 0.34
N THR A 230 15.86 -14.28 0.13
CA THR A 230 16.17 -15.41 1.02
C THR A 230 17.64 -15.84 0.89
N ILE A 231 18.12 -16.58 1.89
CA ILE A 231 19.49 -17.10 1.88
C ILE A 231 19.68 -18.08 0.71
N LYS A 232 18.76 -19.04 0.61
CA LYS A 232 18.87 -20.14 -0.35
C LYS A 232 18.85 -19.64 -1.78
N THR A 233 17.88 -18.79 -2.10
CA THR A 233 17.78 -18.24 -3.45
C THR A 233 18.81 -17.14 -3.70
N GLY A 234 19.21 -16.44 -2.64
CA GLY A 234 20.24 -15.40 -2.75
C GLY A 234 21.58 -15.98 -3.16
N GLU A 235 22.03 -16.99 -2.42
CA GLU A 235 23.27 -17.69 -2.72
C GLU A 235 23.27 -18.23 -4.15
N ALA A 236 22.12 -18.73 -4.59
CA ALA A 236 22.00 -19.27 -5.93
C ALA A 236 21.94 -18.19 -7.01
N HIS A 237 21.07 -17.19 -6.84
CA HIS A 237 20.60 -16.40 -7.98
C HIS A 237 20.75 -14.87 -7.90
N TRP A 238 20.96 -14.33 -6.71
CA TRP A 238 20.98 -12.88 -6.50
C TRP A 238 21.89 -12.15 -7.50
N GLU A 239 23.18 -12.49 -7.48
CA GLU A 239 24.17 -11.88 -8.36
C GLU A 239 23.88 -12.21 -9.82
N LEU A 240 23.47 -13.46 -10.08
CA LEU A 240 23.15 -13.88 -11.44
C LEU A 240 22.05 -13.04 -12.05
N LEU A 241 20.95 -12.85 -11.31
CA LEU A 241 19.78 -12.15 -11.80
C LEU A 241 20.05 -10.67 -12.06
N GLY A 242 20.78 -10.04 -11.14
CA GLY A 242 21.12 -8.63 -11.27
C GLY A 242 22.00 -8.36 -12.46
N ARG A 243 23.04 -9.19 -12.62
CA ARG A 243 23.96 -9.06 -13.75
C ARG A 243 23.23 -9.36 -15.06
N ALA A 244 22.39 -10.40 -15.06
CA ALA A 244 21.60 -10.75 -16.24
C ALA A 244 20.70 -9.60 -16.69
N ARG A 245 19.95 -9.02 -15.74
CA ARG A 245 19.06 -7.90 -16.09
C ARG A 245 19.85 -6.72 -16.65
N ALA A 246 21.02 -6.44 -16.03
CA ALA A 246 21.91 -5.40 -16.50
C ALA A 246 22.31 -5.61 -17.96
N VAL A 247 22.80 -6.80 -18.30
CA VAL A 247 23.23 -7.03 -19.69
C VAL A 247 22.07 -7.22 -20.67
N ASP A 248 20.95 -7.81 -20.21
CA ASP A 248 19.72 -7.91 -21.02
C ASP A 248 19.25 -6.54 -21.50
N THR A 249 19.24 -5.58 -20.58
CA THR A 249 18.60 -4.29 -20.81
C THR A 249 19.58 -3.18 -21.15
N GLN A 250 20.88 -3.46 -20.98
CA GLN A 250 21.95 -2.46 -21.13
C GLN A 250 21.68 -1.25 -20.23
N CYS A 251 21.33 -1.54 -18.99
CA CYS A 251 21.07 -0.53 -17.97
C CYS A 251 21.99 -0.75 -16.77
N TYR A 252 22.26 0.33 -16.04
CA TYR A 252 22.81 0.20 -14.70
C TYR A 252 21.75 -0.47 -13.85
N VAL A 253 22.18 -1.36 -12.98
CA VAL A 253 21.26 -2.06 -12.08
C VAL A 253 21.67 -1.85 -10.62
N LEU A 254 20.70 -1.39 -9.83
CA LEU A 254 20.92 -1.10 -8.42
C LEU A 254 20.16 -2.12 -7.59
N MET A 255 20.85 -2.72 -6.62
CA MET A 255 20.25 -3.81 -5.87
C MET A 255 20.40 -3.59 -4.36
N PRO A 256 19.48 -2.81 -3.76
CA PRO A 256 19.48 -2.60 -2.31
C PRO A 256 18.80 -3.78 -1.63
N GLY A 257 19.52 -4.45 -0.75
CA GLY A 257 19.00 -5.65 -0.12
C GLY A 257 18.94 -5.59 1.39
N GLN A 258 17.90 -6.20 1.95
CA GLN A 258 17.85 -6.54 3.36
C GLN A 258 18.98 -7.52 3.62
N VAL A 259 19.52 -7.49 4.85
CA VAL A 259 20.58 -8.42 5.25
C VAL A 259 20.33 -8.91 6.68
N GLY A 260 20.80 -10.12 6.99
CA GLY A 260 20.91 -10.58 8.38
C GLY A 260 19.68 -11.25 8.96
N MET A 261 19.77 -11.65 10.23
CA MET A 261 18.65 -12.26 10.93
C MET A 261 17.78 -11.16 11.53
N HIS A 262 16.51 -11.14 11.14
CA HIS A 262 15.61 -10.05 11.52
C HIS A 262 15.02 -10.23 12.90
N ASP A 263 14.93 -9.13 13.65
CA ASP A 263 14.27 -9.11 14.95
C ASP A 263 12.82 -8.67 14.76
N LEU A 264 11.93 -9.65 14.67
CA LEU A 264 10.51 -9.39 14.36
C LEU A 264 9.65 -9.22 15.63
N SER A 265 10.31 -9.20 16.78
CA SER A 265 9.64 -9.06 18.09
C SER A 265 8.78 -7.80 18.20
N ASP A 266 7.58 -7.97 18.76
CA ASP A 266 6.62 -6.88 18.93
C ASP A 266 5.77 -7.22 20.16
N PRO A 267 6.31 -6.98 21.38
CA PRO A 267 5.63 -7.38 22.62
C PRO A 267 4.20 -6.88 22.74
N GLU A 268 3.96 -5.61 22.43
CA GLU A 268 2.62 -5.04 22.55
C GLU A 268 1.63 -5.73 21.61
N TRP A 269 2.06 -6.05 20.38
CA TRP A 269 1.19 -6.77 19.45
C TRP A 269 1.00 -8.24 19.84
N GLU A 270 2.05 -8.88 20.33
CA GLU A 270 1.98 -10.26 20.80
C GLU A 270 0.97 -10.39 21.96
N LYS A 271 1.00 -9.41 22.86
CA LYS A 271 0.01 -9.28 23.93
C LYS A 271 -1.39 -9.16 23.36
N GLN A 272 -1.59 -8.21 22.45
CA GLN A 272 -2.91 -7.95 21.87
C GLN A 272 -3.45 -9.18 21.15
N SER A 273 -2.56 -9.90 20.49
CA SER A 273 -2.90 -11.09 19.70
C SER A 273 -3.02 -12.35 20.53
N HIS A 274 -2.75 -12.24 21.83
CA HIS A 274 -2.72 -13.39 22.74
C HIS A 274 -1.85 -14.52 22.18
N MET A 275 -0.61 -14.16 21.82
CA MET A 275 0.34 -15.10 21.24
CA MET A 275 0.32 -15.13 21.26
C MET A 275 1.15 -15.81 22.33
N SER A 276 1.25 -17.12 22.25
CA SER A 276 2.07 -17.91 23.18
C SER A 276 3.53 -17.86 22.74
N ALA A 277 4.44 -18.05 23.69
CA ALA A 277 5.89 -18.05 23.42
C ALA A 277 6.30 -19.06 22.35
N LEU A 278 5.51 -20.15 22.24
CA LEU A 278 5.73 -21.17 21.22
C LEU A 278 5.49 -20.57 19.84
N GLU A 279 4.38 -19.84 19.71
CA GLU A 279 4.02 -19.13 18.48
C GLU A 279 4.93 -17.92 18.23
N LYS A 280 5.71 -17.53 19.24
CA LYS A 280 6.51 -16.30 19.19
C LYS A 280 7.83 -16.43 18.43
N SER A 281 8.23 -17.65 18.11
CA SER A 281 9.50 -17.90 17.43
C SER A 281 9.47 -17.38 16.00
N SER A 282 9.93 -16.14 15.83
CA SER A 282 9.88 -15.44 14.56
C SER A 282 11.25 -15.35 13.92
N ARG A 283 11.54 -16.30 13.02
CA ARG A 283 12.86 -16.36 12.39
C ARG A 283 12.79 -16.02 10.89
N ARG A 284 13.61 -15.04 10.49
CA ARG A 284 13.75 -14.67 9.10
C ARG A 284 15.15 -14.11 8.85
N GLU A 285 15.76 -14.51 7.74
CA GLU A 285 17.11 -14.10 7.40
C GLU A 285 17.21 -13.69 5.93
N SER A 286 17.90 -12.58 5.67
CA SER A 286 18.03 -12.05 4.32
C SER A 286 19.47 -12.11 3.81
N TRP A 287 19.61 -12.17 2.48
CA TRP A 287 20.88 -12.44 1.81
C TRP A 287 21.87 -11.29 1.78
N GLY A 288 21.37 -10.07 1.69
CA GLY A 288 22.24 -8.89 1.61
C GLY A 288 22.97 -8.86 0.27
N HIS A 289 24.29 -8.70 0.31
CA HIS A 289 25.14 -8.60 -0.89
C HIS A 289 24.65 -7.49 -1.83
N SER A 290 24.24 -6.36 -1.26
CA SER A 290 23.78 -5.22 -2.04
C SER A 290 24.88 -4.84 -3.02
N MET A 291 24.47 -4.45 -4.23
CA MET A 291 25.44 -4.10 -5.26
C MET A 291 24.93 -3.12 -6.32
N VAL A 292 25.88 -2.62 -7.11
CA VAL A 292 25.60 -1.80 -8.28
C VAL A 292 26.32 -2.45 -9.45
N ILE A 293 25.60 -2.57 -10.57
CA ILE A 293 26.09 -3.27 -11.75
C ILE A 293 26.02 -2.35 -12.97
N ASP A 294 27.10 -2.30 -13.74
CA ASP A 294 27.13 -1.50 -14.96
C ASP A 294 26.43 -2.22 -16.13
N PRO A 295 26.16 -1.50 -17.24
CA PRO A 295 25.36 -2.06 -18.34
C PRO A 295 26.02 -3.22 -19.10
N TRP A 296 27.26 -3.55 -18.75
CA TRP A 296 27.99 -4.67 -19.33
C TRP A 296 27.98 -5.87 -18.39
N GLY A 297 27.41 -5.68 -17.20
CA GLY A 297 27.30 -6.75 -16.21
C GLY A 297 28.45 -6.80 -15.22
N LYS A 298 29.26 -5.74 -15.19
CA LYS A 298 30.35 -5.65 -14.22
C LYS A 298 29.84 -5.06 -12.91
N ILE A 299 30.13 -5.75 -11.81
CA ILE A 299 29.81 -5.24 -10.48
C ILE A 299 30.77 -4.11 -10.14
N ILE A 300 30.24 -2.91 -9.95
CA ILE A 300 31.08 -1.74 -9.72
C ILE A 300 31.09 -1.26 -8.28
N ALA A 301 30.13 -1.73 -7.49
CA ALA A 301 30.10 -1.51 -6.04
C ALA A 301 29.39 -2.69 -5.38
N HIS A 302 29.81 -3.04 -4.18
CA HIS A 302 29.30 -4.22 -3.48
C HIS A 302 29.42 -4.02 -1.98
N ALA A 303 28.40 -4.47 -1.25
CA ALA A 303 28.40 -4.38 0.21
C ALA A 303 29.57 -5.13 0.84
N ASP A 304 30.10 -4.59 1.93
CA ASP A 304 31.14 -5.25 2.73
C ASP A 304 30.52 -6.44 3.47
N PRO A 305 31.03 -7.66 3.22
CA PRO A 305 30.47 -8.86 3.86
C PRO A 305 30.76 -8.97 5.36
N SER A 306 31.68 -8.15 5.86
CA SER A 306 32.09 -8.21 7.27
C SER A 306 31.12 -7.49 8.22
N THR A 307 30.12 -6.81 7.64
CA THR A 307 29.09 -6.13 8.41
C THR A 307 27.74 -6.81 8.20
N VAL A 308 27.00 -7.04 9.28
CA VAL A 308 25.62 -7.53 9.18
C VAL A 308 24.62 -6.43 9.51
N GLY A 309 25.14 -5.26 9.89
CA GLY A 309 24.33 -4.08 10.17
C GLY A 309 24.17 -3.18 8.95
N PRO A 310 23.55 -2.00 9.13
CA PRO A 310 23.34 -1.09 8.00
C PRO A 310 24.64 -0.53 7.43
N GLN A 311 24.65 -0.39 6.11
CA GLN A 311 25.79 0.21 5.41
C GLN A 311 25.36 0.81 4.09
N LEU A 312 26.14 1.78 3.64
CA LEU A 312 25.90 2.46 2.38
C LEU A 312 27.05 2.13 1.43
N ILE A 313 26.71 1.90 0.17
CA ILE A 313 27.72 1.80 -0.89
C ILE A 313 27.48 2.86 -1.94
N LEU A 314 28.55 3.33 -2.57
CA LEU A 314 28.47 4.41 -3.56
C LEU A 314 29.02 3.96 -4.90
N ALA A 315 28.46 4.52 -5.96
CA ALA A 315 28.97 4.30 -7.31
C ALA A 315 28.75 5.55 -8.15
N ASP A 316 29.69 5.83 -9.04
CA ASP A 316 29.51 6.90 -10.01
C ASP A 316 29.06 6.31 -11.35
N LEU A 317 27.88 6.73 -11.81
CA LEU A 317 27.30 6.20 -13.03
C LEU A 317 27.71 7.04 -14.23
N ASP A 318 28.08 6.35 -15.32
CA ASP A 318 28.68 6.98 -16.48
C ASP A 318 27.72 6.91 -17.66
N ARG A 319 27.13 8.04 -18.02
CA ARG A 319 26.18 8.11 -19.12
C ARG A 319 26.82 7.78 -20.47
N GLU A 320 28.06 8.22 -20.65
CA GLU A 320 28.83 7.94 -21.88
C GLU A 320 29.06 6.46 -22.09
N LEU A 321 29.40 5.74 -21.03
CA LEU A 321 29.60 4.30 -21.11
C LEU A 321 28.30 3.61 -21.50
N LEU A 322 27.20 4.01 -20.86
CA LEU A 322 25.89 3.43 -21.15
C LEU A 322 25.51 3.64 -22.62
N GLN A 323 25.67 4.87 -23.12
CA GLN A 323 25.35 5.17 -24.52
C GLN A 323 26.27 4.46 -25.51
N GLU A 324 27.56 4.34 -25.15
CA GLU A 324 28.55 3.60 -25.95
C GLU A 324 28.18 2.13 -26.14
N ILE A 325 27.82 1.47 -25.03
CA ILE A 325 27.40 0.07 -25.04
C ILE A 325 26.19 -0.14 -25.93
N ARG A 326 25.20 0.75 -25.79
CA ARG A 326 23.98 0.67 -26.58
C ARG A 326 24.22 0.92 -28.07
N ASN A 327 25.18 1.79 -28.38
CA ASN A 327 25.58 2.09 -29.75
CA ASN A 327 25.56 2.08 -29.76
C ASN A 327 26.28 0.91 -30.43
N LYS A 328 27.19 0.27 -29.70
CA LYS A 328 27.98 -0.83 -30.24
C LYS A 328 27.17 -2.11 -30.40
N MET A 329 26.20 -2.32 -29.52
CA MET A 329 25.32 -3.49 -29.59
C MET A 329 23.87 -3.01 -29.52
N PRO A 330 23.32 -2.57 -30.66
CA PRO A 330 22.03 -1.89 -30.63
C PRO A 330 20.84 -2.85 -30.52
N LEU A 331 20.74 -3.53 -29.37
CA LEU A 331 19.72 -4.55 -29.15
C LEU A 331 18.30 -4.04 -29.39
N TRP A 332 18.02 -2.80 -28.97
CA TRP A 332 16.68 -2.25 -29.12
C TRP A 332 16.32 -1.81 -30.55
N ASN A 333 17.29 -1.87 -31.45
CA ASN A 333 17.05 -1.68 -32.89
C ASN A 333 16.93 -3.02 -33.62
N GLN A 334 17.05 -4.12 -32.89
CA GLN A 334 17.20 -5.43 -33.52
C GLN A 334 16.21 -6.48 -33.02
N ARG A 335 15.19 -6.05 -32.29
CA ARG A 335 14.21 -6.99 -31.75
C ARG A 335 13.22 -7.42 -32.82
N ARG A 336 12.58 -8.56 -32.60
CA ARG A 336 11.59 -9.07 -33.54
C ARG A 336 10.17 -8.92 -32.99
N ASP A 337 9.69 -7.68 -32.94
CA ASP A 337 8.32 -7.37 -32.50
C ASP A 337 7.24 -7.93 -33.43
N ASP A 338 7.62 -8.22 -34.67
CA ASP A 338 6.73 -8.88 -35.62
C ASP A 338 6.36 -10.30 -35.16
N LEU A 339 7.16 -10.86 -34.25
CA LEU A 339 6.97 -12.23 -33.75
C LEU A 339 6.66 -12.32 -32.26
N PHE A 340 7.30 -11.45 -31.48
CA PHE A 340 7.13 -11.46 -30.03
C PHE A 340 6.39 -10.21 -29.59
N HIS A 341 5.17 -10.43 -29.07
CA HIS A 341 4.19 -9.39 -28.73
C HIS A 341 2.82 -9.82 -29.23
N LEU B 39 -30.05 -11.36 8.66
CA LEU B 39 -29.78 -10.48 9.83
C LEU B 39 -29.06 -11.25 10.94
N LYS B 40 -28.10 -10.60 11.57
CA LYS B 40 -27.32 -11.25 12.62
C LYS B 40 -27.60 -10.60 13.98
N ARG B 41 -27.73 -11.44 14.99
CA ARG B 41 -28.22 -11.00 16.31
C ARG B 41 -27.09 -10.75 17.29
N VAL B 42 -27.10 -9.57 17.88
CA VAL B 42 -26.17 -9.21 18.95
C VAL B 42 -26.90 -9.10 20.29
N ALA B 43 -26.22 -9.49 21.37
CA ALA B 43 -26.69 -9.21 22.73
C ALA B 43 -25.73 -8.24 23.42
N VAL B 44 -26.30 -7.25 24.12
CA VAL B 44 -25.51 -6.32 24.91
C VAL B 44 -25.94 -6.46 26.38
N ALA B 45 -24.99 -6.77 27.25
CA ALA B 45 -25.29 -7.00 28.67
C ALA B 45 -25.03 -5.75 29.52
N GLN B 46 -25.88 -5.58 30.52
CA GLN B 46 -25.72 -4.54 31.52
C GLN B 46 -25.64 -5.25 32.87
N LEU B 47 -24.68 -4.86 33.69
CA LEU B 47 -24.51 -5.50 35.00
C LEU B 47 -23.95 -4.52 36.02
N CYS B 48 -23.76 -5.00 37.24
CA CYS B 48 -23.29 -4.20 38.35
C CYS B 48 -22.20 -4.97 39.07
N SER B 49 -20.96 -4.85 38.59
CA SER B 49 -19.85 -5.61 39.17
C SER B 49 -19.63 -5.26 40.63
N SER B 50 -19.40 -6.30 41.43
CA SER B 50 -18.91 -6.15 42.80
C SER B 50 -17.40 -6.35 42.80
N ALA B 51 -16.80 -6.37 43.99
CA ALA B 51 -15.38 -6.71 44.15
C ALA B 51 -15.16 -8.22 44.30
N ASP B 52 -16.24 -8.98 44.25
CA ASP B 52 -16.20 -10.44 44.38
C ASP B 52 -16.24 -11.07 42.99
N LEU B 53 -15.09 -11.57 42.53
CA LEU B 53 -14.96 -12.16 41.20
C LEU B 53 -15.83 -13.41 41.01
N THR B 54 -16.02 -14.18 42.07
CA THR B 54 -16.83 -15.39 42.01
C THR B 54 -18.31 -15.05 41.74
N LYS B 55 -18.83 -14.08 42.48
CA LYS B 55 -20.19 -13.57 42.28
C LYS B 55 -20.34 -12.96 40.88
N ASN B 56 -19.36 -12.15 40.48
CA ASN B 56 -19.38 -11.53 39.15
C ASN B 56 -19.36 -12.55 38.03
N LEU B 57 -18.58 -13.62 38.19
CA LEU B 57 -18.48 -14.67 37.18
C LEU B 57 -19.81 -15.39 37.00
N LYS B 58 -20.49 -15.67 38.12
CA LYS B 58 -21.81 -16.31 38.08
C LYS B 58 -22.80 -15.49 37.24
N VAL B 59 -22.85 -14.19 37.50
CA VAL B 59 -23.70 -13.26 36.74
C VAL B 59 -23.36 -13.31 35.25
N VAL B 60 -22.05 -13.22 34.94
CA VAL B 60 -21.58 -13.22 33.56
C VAL B 60 -22.00 -14.51 32.85
N LYS B 61 -21.80 -15.64 33.52
CA LYS B 61 -22.23 -16.96 33.02
C LYS B 61 -23.73 -17.02 32.69
N GLU B 62 -24.56 -16.46 33.57
CA GLU B 62 -26.01 -16.42 33.37
C GLU B 62 -26.42 -15.57 32.16
N LEU B 63 -25.72 -14.45 31.99
CA LEU B 63 -25.99 -13.54 30.87
C LEU B 63 -25.60 -14.15 29.53
N ILE B 64 -24.45 -14.82 29.49
CA ILE B 64 -24.01 -15.51 28.28
C ILE B 64 -25.00 -16.64 27.97
N SER B 65 -25.39 -17.37 29.02
CA SER B 65 -26.40 -18.43 28.88
C SER B 65 -27.70 -17.90 28.27
N GLU B 66 -28.18 -16.77 28.80
CA GLU B 66 -29.40 -16.12 28.32
C GLU B 66 -29.26 -15.67 26.85
N ALA B 67 -28.09 -15.13 26.51
CA ALA B 67 -27.78 -14.68 25.14
C ALA B 67 -27.86 -15.83 24.13
N ILE B 68 -27.33 -16.99 24.51
CA ILE B 68 -27.42 -18.19 23.68
C ILE B 68 -28.88 -18.61 23.46
N GLN B 69 -29.66 -18.65 24.54
CA GLN B 69 -31.09 -19.01 24.47
C GLN B 69 -31.84 -18.11 23.52
N LYS B 70 -31.44 -16.84 23.50
CA LYS B 70 -32.11 -15.81 22.72
C LYS B 70 -31.54 -15.68 21.31
N LYS B 71 -30.63 -16.60 20.97
CA LYS B 71 -30.08 -16.73 19.61
C LYS B 71 -29.14 -15.59 19.23
N ALA B 72 -28.44 -15.02 20.22
CA ALA B 72 -27.40 -14.03 19.95
C ALA B 72 -26.16 -14.74 19.41
N ASP B 73 -25.50 -14.12 18.45
CA ASP B 73 -24.32 -14.71 17.85
C ASP B 73 -23.04 -14.20 18.53
N VAL B 74 -23.14 -12.99 19.08
CA VAL B 74 -22.11 -12.43 19.93
C VAL B 74 -22.78 -11.70 21.09
N VAL B 75 -22.20 -11.83 22.28
CA VAL B 75 -22.67 -11.08 23.45
C VAL B 75 -21.56 -10.12 23.93
N PHE B 76 -21.93 -8.88 24.21
CA PHE B 76 -20.97 -7.85 24.60
C PHE B 76 -21.24 -7.41 26.04
N LEU B 77 -20.23 -7.54 26.90
CA LEU B 77 -20.35 -7.20 28.31
C LEU B 77 -19.47 -5.99 28.67
N PRO B 78 -19.82 -5.28 29.76
CA PRO B 78 -19.18 -4.00 30.09
C PRO B 78 -17.69 -4.07 30.48
N GLU B 79 -17.09 -2.89 30.56
CA GLU B 79 -15.76 -2.71 31.16
C GLU B 79 -15.82 -3.27 32.57
N ALA B 80 -14.73 -3.88 33.03
CA ALA B 80 -14.57 -4.33 34.42
C ALA B 80 -15.68 -5.29 34.84
N SER B 81 -16.00 -6.25 33.97
CA SER B 81 -16.99 -7.28 34.28
C SER B 81 -16.44 -8.32 35.25
N ASP B 82 -15.12 -8.34 35.43
CA ASP B 82 -14.52 -9.23 36.42
C ASP B 82 -14.62 -8.65 37.83
N TYR B 83 -14.31 -7.37 37.98
CA TYR B 83 -14.37 -6.68 39.27
C TYR B 83 -14.31 -5.16 39.14
N LEU B 84 -14.82 -4.48 40.16
CA LEU B 84 -14.46 -3.09 40.43
C LEU B 84 -13.86 -3.04 41.84
N SER B 85 -12.99 -2.05 42.09
CA SER B 85 -12.25 -2.03 43.34
C SER B 85 -12.44 -0.72 44.12
N GLN B 86 -12.07 -0.77 45.40
CA GLN B 86 -12.17 0.39 46.30
C GLN B 86 -11.11 1.46 46.03
N ASN B 87 -9.90 1.01 45.68
CA ASN B 87 -8.77 1.90 45.41
C ASN B 87 -7.66 1.21 44.58
N PRO B 88 -6.63 1.96 44.16
CA PRO B 88 -5.57 1.39 43.31
C PRO B 88 -4.87 0.15 43.89
N LEU B 89 -4.71 0.10 45.21
CA LEU B 89 -4.10 -1.08 45.84
C LEU B 89 -5.03 -2.29 45.75
N HIS B 90 -6.33 -2.05 46.00
CA HIS B 90 -7.34 -3.09 45.86
C HIS B 90 -7.42 -3.62 44.43
N SER B 91 -7.36 -2.71 43.45
CA SER B 91 -7.34 -3.11 42.04
C SER B 91 -6.20 -4.09 41.73
N ARG B 92 -5.00 -3.78 42.22
CA ARG B 92 -3.82 -4.63 42.00
C ARG B 92 -3.98 -6.01 42.64
N TYR B 93 -4.61 -6.03 43.80
CA TYR B 93 -4.89 -7.25 44.55
C TYR B 93 -5.88 -8.12 43.78
N LEU B 94 -6.93 -7.49 43.28
CA LEU B 94 -7.96 -8.21 42.55
C LEU B 94 -7.49 -8.69 41.18
N ALA B 95 -6.63 -7.92 40.53
CA ALA B 95 -6.10 -8.27 39.21
C ALA B 95 -5.36 -9.62 39.23
N GLN B 96 -4.82 -9.98 40.40
CA GLN B 96 -4.15 -11.26 40.58
C GLN B 96 -5.11 -12.46 40.53
N LYS B 97 -6.41 -12.19 40.69
CA LYS B 97 -7.45 -13.22 40.62
C LYS B 97 -8.11 -13.30 39.24
N SER B 98 -7.85 -12.30 38.41
CA SER B 98 -8.47 -12.22 37.10
C SER B 98 -8.11 -13.33 36.12
N PRO B 99 -6.83 -13.77 36.07
CA PRO B 99 -6.51 -14.86 35.15
C PRO B 99 -7.35 -16.14 35.39
N LYS B 100 -7.57 -16.49 36.66
CA LYS B 100 -8.44 -17.63 37.02
C LYS B 100 -9.87 -17.41 36.52
N PHE B 101 -10.39 -16.21 36.77
CA PHE B 101 -11.71 -15.79 36.28
C PHE B 101 -11.82 -16.01 34.76
N ILE B 102 -10.79 -15.60 34.02
CA ILE B 102 -10.79 -15.71 32.56
C ILE B 102 -10.78 -17.18 32.11
N ARG B 103 -9.90 -17.99 32.69
CA ARG B 103 -9.84 -19.42 32.39
C ARG B 103 -11.16 -20.13 32.68
N GLN B 104 -11.77 -19.80 33.82
CA GLN B 104 -13.07 -20.35 34.18
C GLN B 104 -14.17 -19.89 33.19
N LEU B 105 -14.05 -18.65 32.72
CA LEU B 105 -14.95 -18.13 31.70
C LEU B 105 -14.82 -18.86 30.37
N GLN B 106 -13.58 -19.07 29.92
CA GLN B 106 -13.31 -19.81 28.68
C GLN B 106 -13.94 -21.20 28.73
N SER B 107 -13.77 -21.89 29.86
CA SER B 107 -14.39 -23.20 30.12
C SER B 107 -15.91 -23.14 30.07
N SER B 108 -16.47 -22.16 30.77
CA SER B 108 -17.93 -21.95 30.82
C SER B 108 -18.52 -21.72 29.43
N ILE B 109 -17.80 -20.95 28.61
CA ILE B 109 -18.24 -20.66 27.24
C ILE B 109 -18.37 -21.94 26.41
N THR B 110 -17.34 -22.79 26.42
CA THR B 110 -17.37 -24.06 25.68
C THR B 110 -18.39 -25.03 26.25
N ASP B 111 -18.56 -25.02 27.58
CA ASP B 111 -19.62 -25.81 28.23
C ASP B 111 -21.02 -25.37 27.78
N LEU B 112 -21.25 -24.07 27.75
CA LEU B 112 -22.55 -23.53 27.34
C LEU B 112 -22.83 -23.73 25.84
N VAL B 113 -21.79 -23.62 25.02
CA VAL B 113 -21.91 -23.85 23.58
C VAL B 113 -22.27 -25.31 23.28
N ARG B 114 -21.61 -26.22 24.00
CA ARG B 114 -21.87 -27.66 23.89
C ARG B 114 -23.30 -28.00 24.33
N ASP B 115 -23.70 -27.52 25.50
CA ASP B 115 -24.99 -27.88 26.10
C ASP B 115 -26.20 -27.30 25.34
N ASN B 116 -25.98 -26.20 24.63
CA ASN B 116 -27.02 -25.55 23.85
C ASN B 116 -26.97 -25.88 22.36
N SER B 117 -25.92 -26.58 21.94
CA SER B 117 -25.66 -26.90 20.53
C SER B 117 -25.69 -25.67 19.63
N ARG B 118 -25.16 -24.55 20.15
CA ARG B 118 -25.15 -23.29 19.42
C ARG B 118 -23.92 -22.47 19.78
N ASN B 119 -23.29 -21.88 18.76
CA ASN B 119 -22.10 -21.06 18.93
C ASN B 119 -22.42 -19.65 19.42
N ILE B 120 -21.54 -19.10 20.24
CA ILE B 120 -21.57 -17.69 20.61
C ILE B 120 -20.14 -17.22 20.89
N ASP B 121 -19.84 -15.97 20.52
CA ASP B 121 -18.57 -15.33 20.89
C ASP B 121 -18.85 -14.31 21.98
N VAL B 122 -17.83 -14.01 22.78
CA VAL B 122 -18.01 -13.14 23.95
C VAL B 122 -16.97 -12.02 23.92
N SER B 123 -17.44 -10.79 23.98
CA SER B 123 -16.59 -9.62 24.19
C SER B 123 -16.83 -9.13 25.61
N ILE B 124 -15.75 -9.05 26.38
CA ILE B 124 -15.85 -8.78 27.82
C ILE B 124 -14.66 -7.97 28.36
N GLY B 125 -14.97 -6.95 29.17
CA GLY B 125 -13.96 -6.14 29.82
C GLY B 125 -13.46 -6.77 31.11
N VAL B 126 -12.14 -6.88 31.22
CA VAL B 126 -11.49 -7.44 32.42
C VAL B 126 -10.27 -6.62 32.81
N HIS B 127 -9.62 -7.00 33.90
CA HIS B 127 -8.33 -6.46 34.25
C HIS B 127 -7.32 -7.58 34.18
N LEU B 128 -6.06 -7.23 33.93
CA LEU B 128 -5.00 -8.20 33.99
C LEU B 128 -3.83 -7.65 34.79
N PRO B 129 -3.08 -8.53 35.47
CA PRO B 129 -1.95 -8.01 36.25
C PRO B 129 -0.83 -7.56 35.32
N PRO B 130 0.13 -6.77 35.84
CA PRO B 130 1.30 -6.39 35.03
C PRO B 130 2.19 -7.58 34.72
N SER B 131 2.87 -7.52 33.58
CA SER B 131 3.82 -8.57 33.18
C SER B 131 5.14 -8.41 33.91
N GLU B 132 6.01 -9.41 33.81
CA GLU B 132 7.37 -9.30 34.35
C GLU B 132 8.12 -8.11 33.75
N GLN B 133 8.00 -7.90 32.44
CA GLN B 133 8.64 -6.75 31.78
C GLN B 133 8.11 -5.42 32.32
N ASP B 134 6.79 -5.34 32.53
CA ASP B 134 6.18 -4.19 33.16
C ASP B 134 6.84 -3.91 34.51
N LEU B 135 6.93 -4.94 35.34
CA LEU B 135 7.53 -4.83 36.67
C LEU B 135 9.00 -4.41 36.60
N LEU B 136 9.73 -5.00 35.66
CA LEU B 136 11.13 -4.66 35.40
C LEU B 136 11.32 -3.17 35.15
N GLU B 137 10.35 -2.57 34.45
CA GLU B 137 10.38 -1.13 34.13
C GLU B 137 9.76 -0.26 35.22
N GLY B 138 9.39 -0.87 36.34
CA GLY B 138 8.82 -0.15 37.48
C GLY B 138 7.35 0.19 37.31
N ASN B 139 6.67 -0.57 36.45
CA ASN B 139 5.25 -0.36 36.20
C ASN B 139 4.45 -1.54 36.77
N ASP B 140 3.88 -1.35 37.96
CA ASP B 140 3.05 -2.38 38.61
C ASP B 140 1.55 -2.10 38.49
N ARG B 141 1.18 -1.27 37.52
CA ARG B 141 -0.22 -0.94 37.28
C ARG B 141 -0.92 -2.07 36.51
N VAL B 142 -2.22 -2.23 36.74
CA VAL B 142 -2.99 -3.28 36.09
C VAL B 142 -3.35 -2.85 34.67
N ARG B 143 -3.71 -3.83 33.85
CA ARG B 143 -4.12 -3.56 32.47
C ARG B 143 -5.65 -3.62 32.39
N ASN B 144 -6.23 -2.59 31.80
CA ASN B 144 -7.67 -2.56 31.55
C ASN B 144 -7.88 -3.12 30.14
N VAL B 145 -8.43 -4.34 30.08
CA VAL B 145 -8.36 -5.13 28.85
C VAL B 145 -9.74 -5.58 28.37
N LEU B 146 -9.98 -5.43 27.07
CA LEU B 146 -11.18 -5.95 26.45
C LEU B 146 -10.84 -7.23 25.72
N LEU B 147 -11.43 -8.32 26.17
CA LEU B 147 -11.20 -9.64 25.59
C LEU B 147 -12.24 -9.94 24.54
N TYR B 148 -11.80 -10.58 23.47
CA TYR B 148 -12.71 -11.24 22.55
C TYR B 148 -12.43 -12.73 22.64
N ILE B 149 -13.45 -13.48 23.03
CA ILE B 149 -13.33 -14.92 23.21
C ILE B 149 -14.32 -15.60 22.26
N ASP B 150 -13.83 -16.51 21.43
CA ASP B 150 -14.71 -17.19 20.47
C ASP B 150 -15.43 -18.39 21.09
N HIS B 151 -16.28 -19.02 20.29
CA HIS B 151 -17.10 -20.16 20.72
C HIS B 151 -16.31 -21.40 21.11
N GLU B 152 -15.02 -21.43 20.77
CA GLU B 152 -14.14 -22.53 21.14
C GLU B 152 -13.33 -22.19 22.40
N GLY B 153 -13.67 -21.06 23.03
CA GLY B 153 -13.01 -20.59 24.24
C GLY B 153 -11.65 -19.96 23.96
N LYS B 154 -11.36 -19.71 22.69
CA LYS B 154 -10.08 -19.14 22.29
C LYS B 154 -10.11 -17.62 22.40
N ILE B 155 -9.13 -17.06 23.11
CA ILE B 155 -8.96 -15.60 23.18
C ILE B 155 -8.36 -15.09 21.88
N LEU B 156 -9.11 -14.26 21.17
CA LEU B 156 -8.67 -13.75 19.86
C LEU B 156 -8.02 -12.37 19.95
N GLN B 157 -8.39 -11.62 20.98
CA GLN B 157 -7.84 -10.29 21.18
C GLN B 157 -7.85 -9.88 22.64
N GLU B 158 -6.79 -9.21 23.05
CA GLU B 158 -6.73 -8.54 24.34
C GLU B 158 -6.40 -7.09 24.06
N TYR B 159 -7.42 -6.25 23.97
CA TYR B 159 -7.20 -4.82 23.73
C TYR B 159 -6.96 -4.11 25.05
N GLN B 160 -5.80 -3.46 25.16
CA GLN B 160 -5.45 -2.71 26.37
C GLN B 160 -5.81 -1.25 26.20
N LYS B 161 -6.72 -0.77 27.05
CA LYS B 161 -7.30 0.57 26.98
C LYS B 161 -6.26 1.66 26.75
N LEU B 162 -6.52 2.51 25.77
CA LEU B 162 -5.56 3.52 25.35
C LEU B 162 -5.66 4.85 26.11
N HIS B 163 -6.89 5.30 26.34
CA HIS B 163 -7.15 6.59 26.98
C HIS B 163 -7.73 6.36 28.36
N LEU B 164 -7.05 6.84 29.39
CA LEU B 164 -7.47 6.58 30.76
C LEU B 164 -8.23 7.75 31.39
N PHE B 165 -9.25 7.43 32.18
CA PHE B 165 -10.16 8.41 32.76
C PHE B 165 -9.50 9.15 33.93
N ASP B 166 -8.80 10.24 33.61
CA ASP B 166 -8.22 11.12 34.62
C ASP B 166 -8.97 12.45 34.57
N VAL B 167 -10.02 12.55 35.38
CA VAL B 167 -10.98 13.66 35.28
C VAL B 167 -11.49 14.13 36.65
N ASP B 168 -11.67 15.44 36.77
CA ASP B 168 -12.41 16.04 37.88
C ASP B 168 -13.88 16.14 37.48
N VAL B 169 -14.67 15.16 37.89
CA VAL B 169 -16.10 15.10 37.54
C VAL B 169 -16.83 16.32 38.11
N PRO B 170 -17.58 17.04 37.25
CA PRO B 170 -18.40 18.19 37.68
C PRO B 170 -19.41 17.79 38.75
N ASN B 171 -19.43 18.53 39.86
CA ASN B 171 -20.20 18.18 41.06
C ASN B 171 -20.08 16.70 41.41
N GLY B 172 -18.85 16.21 41.41
CA GLY B 172 -18.54 14.82 41.73
C GLY B 172 -17.12 14.68 42.25
N PRO B 173 -16.61 13.43 42.32
CA PRO B 173 -15.28 13.20 42.89
C PRO B 173 -14.16 13.38 41.86
N ILE B 174 -12.93 13.52 42.35
CA ILE B 174 -11.74 13.49 41.52
C ILE B 174 -11.46 12.03 41.15
N LEU B 175 -11.37 11.74 39.86
CA LEU B 175 -11.02 10.39 39.42
C LEU B 175 -9.72 10.36 38.61
N LYS B 176 -8.86 9.41 38.94
CA LYS B 176 -7.59 9.23 38.23
C LYS B 176 -7.30 7.76 37.98
N GLU B 177 -7.77 7.27 36.83
CA GLU B 177 -7.58 5.87 36.44
C GLU B 177 -6.10 5.46 36.32
N SER B 178 -5.25 6.40 35.91
CA SER B 178 -3.85 6.11 35.63
C SER B 178 -3.02 5.83 36.90
N LYS B 179 -3.64 6.02 38.06
CA LYS B 179 -3.02 5.63 39.32
C LYS B 179 -2.91 4.11 39.42
N SER B 180 -3.95 3.41 38.96
CA SER B 180 -4.00 1.96 39.08
C SER B 180 -3.82 1.24 37.74
N VAL B 181 -4.02 1.97 36.64
CA VAL B 181 -4.07 1.36 35.32
C VAL B 181 -2.98 1.91 34.41
N GLN B 182 -2.33 1.02 33.66
CA GLN B 182 -1.32 1.40 32.69
C GLN B 182 -1.95 1.48 31.29
N PRO B 183 -1.67 2.56 30.55
CA PRO B 183 -2.27 2.70 29.22
C PRO B 183 -1.67 1.72 28.21
N GLY B 184 -2.49 1.35 27.22
CA GLY B 184 -2.05 0.48 26.14
C GLY B 184 -1.13 1.20 25.16
N LYS B 185 -0.53 0.43 24.27
CA LYS B 185 0.39 1.00 23.28
C LYS B 185 0.04 0.54 21.86
N ALA B 186 -1.11 -0.11 21.70
CA ALA B 186 -1.48 -0.70 20.41
C ALA B 186 -2.89 -0.35 20.00
N ILE B 187 -3.08 -0.08 18.70
CA ILE B 187 -4.42 0.07 18.14
C ILE B 187 -4.97 -1.33 17.95
N PRO B 188 -6.20 -1.59 18.45
CA PRO B 188 -6.74 -2.95 18.32
C PRO B 188 -7.04 -3.31 16.87
N ASP B 189 -6.71 -4.55 16.51
CA ASP B 189 -7.02 -5.08 15.19
C ASP B 189 -8.53 -5.22 15.02
N ILE B 190 -9.00 -5.12 13.77
CA ILE B 190 -10.39 -5.39 13.43
C ILE B 190 -10.64 -6.89 13.56
N ILE B 191 -11.68 -7.25 14.31
CA ILE B 191 -12.03 -8.65 14.52
C ILE B 191 -13.11 -9.07 13.53
N GLU B 192 -12.84 -10.16 12.80
CA GLU B 192 -13.86 -10.69 11.89
CA GLU B 192 -13.83 -10.72 11.88
C GLU B 192 -14.84 -11.56 12.68
N SER B 193 -15.85 -10.89 13.23
CA SER B 193 -16.85 -11.53 14.07
C SER B 193 -18.01 -12.10 13.24
N PRO B 194 -18.83 -12.98 13.85
CA PRO B 194 -20.05 -13.50 13.23
C PRO B 194 -21.00 -12.41 12.72
N LEU B 195 -20.92 -11.22 13.31
CA LEU B 195 -21.80 -10.11 12.96
C LEU B 195 -21.22 -9.21 11.87
N GLY B 196 -19.93 -9.39 11.59
CA GLY B 196 -19.19 -8.50 10.70
C GLY B 196 -17.93 -7.97 11.36
N LYS B 197 -17.31 -6.97 10.73
CA LYS B 197 -16.03 -6.45 11.16
C LYS B 197 -16.18 -5.57 12.39
N LEU B 198 -15.50 -5.96 13.46
CA LEU B 198 -15.67 -5.31 14.76
C LEU B 198 -14.44 -4.50 15.18
N GLY B 199 -14.70 -3.24 15.53
CA GLY B 199 -13.69 -2.36 16.12
C GLY B 199 -13.97 -2.24 17.60
N SER B 200 -12.93 -2.39 18.41
CA SER B 200 -13.08 -2.47 19.85
C SER B 200 -12.49 -1.24 20.51
N ALA B 201 -13.19 -0.76 21.54
CA ALA B 201 -12.71 0.35 22.35
C ALA B 201 -13.28 0.17 23.75
N ILE B 202 -12.82 0.99 24.67
CA ILE B 202 -13.31 0.97 26.03
C ILE B 202 -13.62 2.36 26.54
N CYS B 203 -14.81 2.59 27.02
CA CYS B 203 -15.20 3.70 27.89
C CYS B 203 -14.89 5.07 27.37
N TYR B 204 -13.80 5.68 27.94
CA TYR B 204 -13.17 6.99 27.78
C TYR B 204 -12.59 7.10 26.37
N ASP B 205 -12.20 5.97 25.78
CA ASP B 205 -11.80 5.93 24.37
C ASP B 205 -12.85 6.61 23.47
N ILE B 206 -14.12 6.52 23.87
CA ILE B 206 -15.24 7.08 23.07
C ILE B 206 -15.14 8.59 22.84
N ARG B 207 -14.43 9.28 23.73
CA ARG B 207 -14.31 10.74 23.69
C ARG B 207 -13.26 11.25 22.71
N PHE B 208 -12.51 10.33 22.13
CA PHE B 208 -11.41 10.66 21.21
C PHE B 208 -11.77 10.20 19.80
N PRO B 209 -12.42 11.10 19.03
CA PRO B 209 -13.05 10.71 17.77
C PRO B 209 -12.11 10.08 16.75
N GLU B 210 -10.84 10.52 16.76
CA GLU B 210 -9.83 10.01 15.84
C GLU B 210 -9.65 8.49 15.95
N PHE B 211 -9.87 7.96 17.15
CA PHE B 211 -9.76 6.53 17.40
C PHE B 211 -10.88 5.81 16.65
N SER B 212 -12.12 6.26 16.85
CA SER B 212 -13.26 5.69 16.14
C SER B 212 -13.12 5.82 14.62
N LEU B 213 -12.64 6.97 14.17
CA LEU B 213 -12.39 7.21 12.73
C LEU B 213 -11.36 6.22 12.18
N LYS B 214 -10.32 5.96 12.97
CA LYS B 214 -9.29 4.99 12.58
C LYS B 214 -9.88 3.59 12.46
N LEU B 215 -10.72 3.20 13.43
CA LEU B 215 -11.37 1.89 13.37
C LEU B 215 -12.19 1.72 12.10
N ARG B 216 -13.00 2.73 11.76
CA ARG B 216 -13.72 2.71 10.49
C ARG B 216 -12.75 2.60 9.31
N SER B 217 -11.71 3.44 9.29
CA SER B 217 -10.70 3.39 8.21
C SER B 217 -10.09 2.02 8.00
N MET B 218 -9.91 1.27 9.09
CA MET B 218 -9.35 -0.08 9.01
C MET B 218 -10.37 -1.13 8.54
N GLY B 219 -11.65 -0.77 8.55
CA GLY B 219 -12.68 -1.65 8.03
C GLY B 219 -13.85 -1.98 8.94
N ALA B 220 -13.89 -1.37 10.12
CA ALA B 220 -14.96 -1.61 11.09
C ALA B 220 -16.36 -1.35 10.50
N GLU B 221 -17.28 -2.25 10.82
CA GLU B 221 -18.70 -2.07 10.53
C GLU B 221 -19.47 -1.89 11.84
N ILE B 222 -18.86 -2.34 12.93
CA ILE B 222 -19.48 -2.30 14.26
C ILE B 222 -18.43 -1.82 15.24
N LEU B 223 -18.81 -0.89 16.11
CA LEU B 223 -17.95 -0.44 17.20
C LEU B 223 -18.55 -0.82 18.53
N CYS B 224 -17.71 -1.18 19.49
CA CYS B 224 -18.20 -1.42 20.84
C CYS B 224 -17.47 -0.53 21.83
N PHE B 225 -18.23 0.00 22.79
CA PHE B 225 -17.67 0.80 23.86
C PHE B 225 -18.12 0.29 25.23
N PRO B 226 -17.68 -0.92 25.63
CA PRO B 226 -17.98 -1.38 26.98
C PRO B 226 -17.46 -0.35 28.00
N SER B 227 -18.28 -0.03 28.99
CA SER B 227 -18.03 1.15 29.83
C SER B 227 -18.48 1.00 31.26
N ALA B 228 -17.86 1.82 32.12
CA ALA B 228 -18.37 2.12 33.45
C ALA B 228 -18.41 3.64 33.52
N PHE B 229 -19.54 4.20 33.10
CA PHE B 229 -19.72 5.66 33.05
C PHE B 229 -20.25 6.21 34.36
N THR B 230 -19.72 7.38 34.76
CA THR B 230 -20.20 8.08 35.93
C THR B 230 -21.63 8.58 35.70
N ILE B 231 -22.34 8.85 36.78
CA ILE B 231 -23.69 9.41 36.71
C ILE B 231 -23.69 10.79 36.04
N LYS B 232 -22.83 11.69 36.51
CA LYS B 232 -22.81 13.07 36.01
C LYS B 232 -22.51 13.17 34.51
N THR B 233 -21.46 12.48 34.07
CA THR B 233 -21.10 12.48 32.65
C THR B 233 -22.04 11.62 31.80
N GLY B 234 -22.58 10.55 32.39
CA GLY B 234 -23.54 9.68 31.72
C GLY B 234 -24.81 10.43 31.32
N GLU B 235 -25.42 11.10 32.30
CA GLU B 235 -26.58 11.94 32.06
C GLU B 235 -26.30 12.98 30.97
N ALA B 236 -25.10 13.54 31.00
CA ALA B 236 -24.73 14.59 30.05
C ALA B 236 -24.40 14.06 28.65
N HIS B 237 -23.57 13.02 28.57
CA HIS B 237 -22.91 12.69 27.31
C HIS B 237 -23.05 11.24 26.79
N TRP B 238 -23.56 10.32 27.59
CA TRP B 238 -23.55 8.89 27.22
C TRP B 238 -24.22 8.63 25.86
N GLU B 239 -25.50 8.98 25.78
CA GLU B 239 -26.29 8.83 24.56
C GLU B 239 -25.72 9.66 23.41
N LEU B 240 -25.36 10.91 23.70
CA LEU B 240 -24.78 11.82 22.70
C LEU B 240 -23.53 11.22 22.05
N LEU B 241 -22.61 10.71 22.86
CA LEU B 241 -21.33 10.18 22.37
C LEU B 241 -21.51 8.95 21.49
N GLY B 242 -22.41 8.05 21.92
CA GLY B 242 -22.67 6.83 21.18
C GLY B 242 -23.31 7.11 19.82
N ARG B 243 -24.30 7.99 19.82
CA ARG B 243 -24.97 8.38 18.60
C ARG B 243 -24.02 9.14 17.67
N ALA B 244 -23.20 10.02 18.25
CA ALA B 244 -22.23 10.78 17.46
C ALA B 244 -21.22 9.86 16.78
N ARG B 245 -20.68 8.89 17.51
CA ARG B 245 -19.73 7.95 16.92
C ARG B 245 -20.39 7.10 15.82
N ALA B 246 -21.64 6.68 16.06
CA ALA B 246 -22.40 5.94 15.07
C ALA B 246 -22.50 6.73 13.77
N VAL B 247 -22.88 8.00 13.89
CA VAL B 247 -23.06 8.88 12.73
C VAL B 247 -21.72 9.25 12.07
N ASP B 248 -20.72 9.57 12.88
CA ASP B 248 -19.37 9.90 12.39
C ASP B 248 -18.81 8.80 11.49
N THR B 249 -18.96 7.55 11.93
CA THR B 249 -18.28 6.40 11.33
C THR B 249 -19.18 5.54 10.45
N GLN B 250 -20.49 5.82 10.46
CA GLN B 250 -21.48 4.99 9.75
C GLN B 250 -21.33 3.51 10.14
N CYS B 251 -21.27 3.29 11.46
CA CYS B 251 -21.16 1.96 12.03
C CYS B 251 -22.31 1.73 13.00
N TYR B 252 -22.69 0.48 13.18
CA TYR B 252 -23.47 0.11 14.36
C TYR B 252 -22.59 0.37 15.59
N VAL B 253 -23.18 0.91 16.63
CA VAL B 253 -22.45 1.17 17.87
C VAL B 253 -23.11 0.43 19.03
N LEU B 254 -22.30 -0.36 19.74
CA LEU B 254 -22.74 -1.16 20.88
C LEU B 254 -22.19 -0.55 22.16
N MET B 255 -23.06 -0.41 23.16
CA MET B 255 -22.68 0.29 24.39
CA MET B 255 -22.72 0.31 24.38
C MET B 255 -23.08 -0.50 25.63
N PRO B 256 -22.25 -1.50 26.01
CA PRO B 256 -22.54 -2.22 27.26
C PRO B 256 -22.02 -1.43 28.43
N GLY B 257 -22.89 -1.15 29.40
CA GLY B 257 -22.50 -0.32 30.53
C GLY B 257 -22.72 -0.98 31.87
N GLN B 258 -21.82 -0.68 32.81
CA GLN B 258 -22.06 -0.93 34.23
C GLN B 258 -23.24 -0.08 34.66
N VAL B 259 -24.00 -0.56 35.64
CA VAL B 259 -25.14 0.19 36.20
C VAL B 259 -25.15 0.09 37.73
N GLY B 260 -25.83 1.04 38.37
CA GLY B 260 -26.16 0.94 39.80
C GLY B 260 -25.02 1.25 40.76
N MET B 261 -25.33 1.21 42.05
CA MET B 261 -24.34 1.43 43.11
C MET B 261 -23.61 0.13 43.37
N HIS B 262 -22.29 0.16 43.22
CA HIS B 262 -21.49 -1.04 43.34
C HIS B 262 -21.17 -1.39 44.79
N ASP B 263 -21.25 -2.68 45.11
CA ASP B 263 -20.82 -3.19 46.40
C ASP B 263 -19.37 -3.62 46.25
N LEU B 264 -18.46 -2.81 46.79
CA LEU B 264 -17.02 -3.03 46.63
C LEU B 264 -16.37 -3.66 47.86
N SER B 265 -17.22 -4.08 48.81
CA SER B 265 -16.79 -4.76 50.03
C SER B 265 -15.93 -6.00 49.76
N ASP B 266 -14.89 -6.16 50.58
CA ASP B 266 -13.94 -7.25 50.46
C ASP B 266 -13.34 -7.42 51.84
N PRO B 267 -14.08 -8.09 52.75
CA PRO B 267 -13.64 -8.17 54.15
C PRO B 267 -12.24 -8.75 54.35
N GLU B 268 -11.87 -9.77 53.59
CA GLU B 268 -10.55 -10.41 53.76
C GLU B 268 -9.40 -9.50 53.33
N TRP B 269 -9.61 -8.70 52.29
CA TRP B 269 -8.61 -7.72 51.88
C TRP B 269 -8.56 -6.54 52.85
N GLU B 270 -9.73 -6.09 53.30
CA GLU B 270 -9.81 -4.97 54.27
C GLU B 270 -9.08 -5.31 55.57
N LYS B 271 -9.22 -6.55 56.01
CA LYS B 271 -8.49 -7.10 57.15
C LYS B 271 -6.98 -7.04 56.91
N GLN B 272 -6.56 -7.60 55.77
CA GLN B 272 -5.14 -7.64 55.39
C GLN B 272 -4.53 -6.24 55.28
N SER B 273 -5.33 -5.30 54.77
CA SER B 273 -4.94 -3.91 54.61
C SER B 273 -5.04 -3.08 55.88
N HIS B 274 -5.55 -3.69 56.95
CA HIS B 274 -5.80 -3.00 58.23
C HIS B 274 -6.60 -1.71 58.00
N MET B 275 -7.72 -1.82 57.30
CA MET B 275 -8.53 -0.66 56.99
C MET B 275 -9.57 -0.39 58.08
N SER B 276 -9.65 0.88 58.49
CA SER B 276 -10.70 1.33 59.41
C SER B 276 -12.03 1.39 58.68
N ALA B 277 -13.13 1.19 59.41
CA ALA B 277 -14.47 1.30 58.84
C ALA B 277 -14.71 2.68 58.23
N LEU B 278 -13.93 3.66 58.69
CA LEU B 278 -14.00 5.03 58.19
C LEU B 278 -13.43 5.14 56.77
N GLU B 279 -12.47 4.28 56.45
CA GLU B 279 -11.86 4.23 55.13
C GLU B 279 -12.48 3.14 54.24
N LYS B 280 -13.46 2.42 54.78
CA LYS B 280 -14.08 1.27 54.10
C LYS B 280 -15.19 1.62 53.11
N SER B 281 -15.98 2.65 53.42
CA SER B 281 -17.20 2.96 52.67
C SER B 281 -16.95 3.37 51.22
N ARG B 283 -18.24 4.40 47.33
CA ARG B 283 -19.61 4.83 47.08
C ARG B 283 -19.88 5.03 45.58
N ARG B 284 -19.30 4.15 44.76
CA ARG B 284 -19.28 4.30 43.31
C ARG B 284 -20.60 3.89 42.65
N GLU B 285 -21.04 4.66 41.68
CA GLU B 285 -22.30 4.40 40.99
C GLU B 285 -22.16 4.59 39.48
N SER B 286 -22.74 3.67 38.71
CA SER B 286 -22.61 3.71 37.25
C SER B 286 -23.93 4.03 36.54
N TRP B 287 -23.81 4.62 35.35
CA TRP B 287 -24.95 5.20 34.61
C TRP B 287 -25.92 4.20 33.98
N GLY B 288 -25.40 3.08 33.48
CA GLY B 288 -26.24 2.09 32.80
C GLY B 288 -26.66 2.58 31.42
N HIS B 289 -27.97 2.50 31.15
CA HIS B 289 -28.52 2.91 29.85
C HIS B 289 -27.83 2.24 28.66
N SER B 290 -27.53 0.94 28.81
CA SER B 290 -26.90 0.17 27.73
C SER B 290 -27.76 0.21 26.48
N MET B 291 -27.12 0.30 25.32
CA MET B 291 -27.87 0.49 24.08
C MET B 291 -27.17 -0.05 22.83
N VAL B 292 -27.94 -0.13 21.76
CA VAL B 292 -27.48 -0.47 20.43
C VAL B 292 -27.96 0.64 19.52
N ILE B 293 -27.05 1.17 18.70
CA ILE B 293 -27.32 2.30 17.83
C ILE B 293 -26.97 1.92 16.39
N ASP B 294 -27.87 2.25 15.45
CA ASP B 294 -27.60 1.98 14.03
C ASP B 294 -26.70 3.05 13.39
N PRO B 295 -26.22 2.81 12.15
CA PRO B 295 -25.29 3.75 11.51
C PRO B 295 -25.89 5.13 11.18
N TRP B 296 -27.21 5.27 11.33
CA TRP B 296 -27.89 6.55 11.11
C TRP B 296 -28.07 7.33 12.42
N GLY B 297 -27.65 6.72 13.53
CA GLY B 297 -27.76 7.33 14.85
C GLY B 297 -29.06 7.00 15.59
N LYS B 298 -29.83 6.05 15.07
CA LYS B 298 -31.06 5.63 15.72
C LYS B 298 -30.78 4.59 16.79
N ILE B 299 -31.26 4.85 18.00
CA ILE B 299 -31.21 3.85 19.08
C ILE B 299 -32.22 2.76 18.76
N ILE B 300 -31.75 1.54 18.56
CA ILE B 300 -32.66 0.45 18.17
C ILE B 300 -32.92 -0.55 19.30
N ALA B 301 -32.09 -0.48 20.35
CA ALA B 301 -32.29 -1.27 21.57
C ALA B 301 -31.75 -0.48 22.75
N HIS B 302 -32.42 -0.57 23.89
CA HIS B 302 -32.03 0.19 25.07
C HIS B 302 -32.41 -0.59 26.33
N ALA B 303 -31.55 -0.51 27.35
CA ALA B 303 -31.81 -1.16 28.63
C ALA B 303 -33.10 -0.65 29.27
N ASP B 304 -33.84 -1.56 29.88
CA ASP B 304 -35.07 -1.23 30.59
C ASP B 304 -34.69 -0.60 31.93
N PRO B 305 -35.10 0.67 32.15
CA PRO B 305 -34.72 1.34 33.39
C PRO B 305 -35.42 0.80 34.64
N SER B 306 -36.49 0.03 34.46
CA SER B 306 -37.24 -0.51 35.60
C SER B 306 -36.70 -1.87 36.08
N THR B 307 -35.67 -2.36 35.42
CA THR B 307 -34.96 -3.57 35.84
C THR B 307 -33.76 -3.13 36.68
N VAL B 308 -33.63 -3.74 37.86
CA VAL B 308 -32.65 -3.30 38.86
C VAL B 308 -31.21 -3.76 38.60
N GLY B 309 -31.02 -5.07 38.43
CA GLY B 309 -29.68 -5.63 38.28
C GLY B 309 -29.31 -5.95 36.85
N PRO B 310 -28.67 -7.10 36.62
CA PRO B 310 -28.20 -7.53 35.30
C PRO B 310 -29.35 -7.69 34.30
N GLN B 311 -29.09 -7.32 33.06
CA GLN B 311 -30.06 -7.50 31.98
C GLN B 311 -29.40 -7.56 30.61
N LEU B 312 -30.13 -8.14 29.67
CA LEU B 312 -29.63 -8.30 28.32
C LEU B 312 -30.55 -7.55 27.38
N ILE B 313 -29.95 -6.84 26.42
CA ILE B 313 -30.71 -6.28 25.31
C ILE B 313 -30.24 -6.92 24.00
N LEU B 314 -31.15 -7.02 23.04
CA LEU B 314 -30.90 -7.71 21.79
C LEU B 314 -31.24 -6.80 20.63
N ALA B 315 -30.54 -7.00 19.52
CA ALA B 315 -30.82 -6.30 18.28
C ALA B 315 -30.41 -7.16 17.11
N ASP B 316 -31.22 -7.12 16.05
CA ASP B 316 -30.84 -7.77 14.79
C ASP B 316 -30.21 -6.72 13.90
N LEU B 317 -28.95 -6.95 13.53
CA LEU B 317 -28.18 -5.98 12.74
C LEU B 317 -28.31 -6.25 11.25
N ASP B 318 -28.35 -5.18 10.47
CA ASP B 318 -28.64 -5.26 9.05
C ASP B 318 -27.47 -4.72 8.24
N ARG B 319 -26.71 -5.63 7.62
CA ARG B 319 -25.56 -5.26 6.79
C ARG B 319 -25.97 -4.40 5.57
N GLU B 320 -27.16 -4.64 5.04
CA GLU B 320 -27.70 -3.86 3.92
C GLU B 320 -27.96 -2.39 4.30
N LEU B 321 -28.38 -2.16 5.54
CA LEU B 321 -28.61 -0.80 6.05
C LEU B 321 -27.29 -0.03 6.08
N LEU B 322 -26.27 -0.68 6.63
CA LEU B 322 -24.96 -0.10 6.72
C LEU B 322 -24.41 0.23 5.32
N GLN B 323 -24.54 -0.73 4.40
CA GLN B 323 -24.08 -0.53 3.02
C GLN B 323 -24.81 0.61 2.31
N GLU B 324 -26.13 0.69 2.51
CA GLU B 324 -26.94 1.72 1.86
C GLU B 324 -26.58 3.12 2.35
N ILE B 325 -26.43 3.28 3.68
CA ILE B 325 -26.03 4.55 4.27
C ILE B 325 -24.66 4.98 3.76
N ARG B 326 -23.72 4.03 3.74
CA ARG B 326 -22.37 4.32 3.26
C ARG B 326 -22.32 4.66 1.78
N ASN B 327 -23.17 4.01 0.98
CA ASN B 327 -23.25 4.28 -0.46
CA ASN B 327 -23.25 4.29 -0.46
C ASN B 327 -23.84 5.66 -0.77
N LYS B 328 -24.89 6.04 -0.03
CA LYS B 328 -25.58 7.29 -0.26
C LYS B 328 -24.81 8.51 0.24
N MET B 329 -24.09 8.35 1.35
CA MET B 329 -23.23 9.41 1.89
C MET B 329 -21.80 8.87 2.03
N PRO B 330 -21.03 8.89 0.93
CA PRO B 330 -19.74 8.19 0.92
C PRO B 330 -18.62 8.98 1.59
N LEU B 331 -18.74 9.18 2.91
CA LEU B 331 -17.81 9.97 3.70
C LEU B 331 -16.35 9.52 3.57
N TRP B 332 -16.13 8.21 3.50
CA TRP B 332 -14.77 7.69 3.38
C TRP B 332 -14.13 7.79 1.99
N ASN B 333 -14.93 8.27 1.03
CA ASN B 333 -14.42 8.62 -0.29
C ASN B 333 -14.20 10.14 -0.42
N GLN B 334 -14.52 10.87 0.65
CA GLN B 334 -14.60 12.33 0.57
C GLN B 334 -13.74 13.06 1.62
N ARG B 335 -12.88 12.32 2.29
CA ARG B 335 -12.03 12.90 3.32
C ARG B 335 -10.88 13.67 2.70
N ARG B 336 -10.40 14.67 3.43
CA ARG B 336 -9.30 15.49 2.96
C ARG B 336 -7.99 15.04 3.62
N ASP B 337 -7.51 13.87 3.22
CA ASP B 337 -6.25 13.30 3.74
C ASP B 337 -5.04 14.13 3.34
N ASP B 338 -5.18 14.91 2.27
CA ASP B 338 -4.13 15.85 1.85
C ASP B 338 -3.89 16.97 2.86
N LEU B 339 -4.86 17.18 3.76
CA LEU B 339 -4.77 18.24 4.76
C LEU B 339 -4.75 17.73 6.19
N PHE B 340 -5.48 16.64 6.45
CA PHE B 340 -5.52 16.04 7.79
C PHE B 340 -4.85 14.67 7.75
N HIS B 341 -3.71 14.59 8.43
CA HIS B 341 -2.86 13.38 8.44
C HIS B 341 -1.75 13.51 9.48
N LEU C 39 16.62 -40.76 -16.18
CA LEU C 39 17.78 -39.98 -16.74
C LEU C 39 17.99 -40.27 -18.22
N LYS C 40 18.24 -39.23 -18.99
CA LYS C 40 18.52 -39.36 -20.42
C LYS C 40 19.77 -38.57 -20.77
N ARG C 41 20.57 -39.10 -21.70
CA ARG C 41 21.90 -38.55 -21.96
C ARG C 41 21.97 -37.63 -23.17
N VAL C 42 22.53 -36.44 -22.94
CA VAL C 42 22.78 -35.48 -24.00
C VAL C 42 24.28 -35.39 -24.25
N ALA C 43 24.67 -35.16 -25.50
CA ALA C 43 26.03 -34.81 -25.84
C ALA C 43 26.06 -33.41 -26.44
N VAL C 44 27.00 -32.59 -25.97
CA VAL C 44 27.21 -31.26 -26.54
C VAL C 44 28.62 -31.20 -27.16
N ALA C 45 28.66 -30.86 -28.44
CA ALA C 45 29.92 -30.82 -29.17
C ALA C 45 30.52 -29.43 -29.22
N GLN C 46 31.85 -29.39 -29.11
CA GLN C 46 32.63 -28.18 -29.29
C GLN C 46 33.60 -28.46 -30.43
N LEU C 47 33.70 -27.54 -31.39
CA LEU C 47 34.58 -27.71 -32.55
C LEU C 47 35.11 -26.39 -33.10
N CYS C 48 35.82 -26.46 -34.22
CA CYS C 48 36.50 -25.29 -34.78
C CYS C 48 36.44 -25.33 -36.30
N SER C 49 35.35 -24.81 -36.85
CA SER C 49 35.10 -24.87 -38.30
C SER C 49 36.16 -24.12 -39.10
N SER C 50 36.58 -24.70 -40.21
CA SER C 50 37.38 -24.01 -41.21
C SER C 50 36.47 -23.60 -42.37
N ALA C 51 37.04 -23.16 -43.48
CA ALA C 51 36.26 -22.91 -44.71
C ALA C 51 36.15 -24.16 -45.59
N ASP C 52 36.77 -25.25 -45.17
CA ASP C 52 36.75 -26.52 -45.91
C ASP C 52 35.60 -27.39 -45.40
N LEU C 53 34.54 -27.48 -46.18
CA LEU C 53 33.34 -28.22 -45.77
C LEU C 53 33.59 -29.72 -45.63
N THR C 54 34.44 -30.27 -46.49
CA THR C 54 34.83 -31.68 -46.43
C THR C 54 35.55 -32.02 -45.11
N LYS C 55 36.48 -31.16 -44.71
CA LYS C 55 37.22 -31.36 -43.46
C LYS C 55 36.29 -31.19 -42.26
N ASN C 56 35.41 -30.21 -42.33
CA ASN C 56 34.41 -29.99 -41.27
C ASN C 56 33.45 -31.16 -41.12
N LEU C 57 33.01 -31.74 -42.24
CA LEU C 57 32.14 -32.93 -42.22
C LEU C 57 32.79 -34.12 -41.52
N LYS C 58 34.08 -34.33 -41.79
CA LYS C 58 34.83 -35.41 -41.15
C LYS C 58 34.83 -35.24 -39.63
N VAL C 59 35.04 -34.00 -39.16
CA VAL C 59 35.05 -33.69 -37.73
C VAL C 59 33.66 -33.93 -37.13
N VAL C 60 32.63 -33.38 -37.78
CA VAL C 60 31.24 -33.56 -37.38
C VAL C 60 30.89 -35.05 -37.25
N LYS C 61 31.26 -35.85 -38.25
CA LYS C 61 30.98 -37.28 -38.25
C LYS C 61 31.65 -38.00 -37.09
N GLU C 62 32.89 -37.61 -36.79
CA GLU C 62 33.64 -38.22 -35.69
C GLU C 62 33.01 -37.92 -34.34
N LEU C 63 32.53 -36.69 -34.18
CA LEU C 63 31.84 -36.29 -32.94
C LEU C 63 30.53 -37.03 -32.75
N ILE C 64 29.76 -37.20 -33.83
CA ILE C 64 28.50 -37.93 -33.79
C ILE C 64 28.79 -39.40 -33.42
N SER C 65 29.83 -39.97 -34.04
CA SER C 65 30.26 -41.33 -33.77
C SER C 65 30.65 -41.50 -32.30
N GLU C 66 31.40 -40.52 -31.77
CA GLU C 66 31.79 -40.52 -30.37
C GLU C 66 30.58 -40.46 -29.45
N ALA C 67 29.59 -39.64 -29.83
CA ALA C 67 28.37 -39.47 -29.04
C ALA C 67 27.58 -40.78 -28.93
N ILE C 68 27.45 -41.50 -30.04
CA ILE C 68 26.76 -42.78 -30.05
C ILE C 68 27.50 -43.77 -29.15
N GLN C 69 28.82 -43.78 -29.25
CA GLN C 69 29.65 -44.69 -28.46
C GLN C 69 29.56 -44.36 -26.96
N LYS C 70 29.26 -43.10 -26.65
CA LYS C 70 29.08 -42.67 -25.25
C LYS C 70 27.61 -42.74 -24.78
N LYS C 71 26.74 -43.27 -25.65
CA LYS C 71 25.32 -43.54 -25.33
C LYS C 71 24.47 -42.28 -25.14
N ALA C 72 24.78 -41.24 -25.91
CA ALA C 72 23.98 -40.02 -25.92
C ALA C 72 22.81 -40.22 -26.88
N ASP C 73 21.64 -39.74 -26.48
CA ASP C 73 20.42 -39.91 -27.26
C ASP C 73 20.26 -38.81 -28.31
N VAL C 74 20.83 -37.64 -28.02
CA VAL C 74 20.91 -36.54 -28.97
C VAL C 74 22.28 -35.88 -28.82
N VAL C 75 22.86 -35.43 -29.94
CA VAL C 75 24.07 -34.63 -29.92
C VAL C 75 23.82 -33.25 -30.54
N PHE C 76 24.30 -32.23 -29.84
CA PHE C 76 24.13 -30.83 -30.22
C PHE C 76 25.46 -30.22 -30.63
N LEU C 77 25.52 -29.78 -31.89
CA LEU C 77 26.71 -29.18 -32.47
C LEU C 77 26.51 -27.67 -32.70
N PRO C 78 27.62 -26.90 -32.75
CA PRO C 78 27.55 -25.43 -32.80
C PRO C 78 26.95 -24.82 -34.07
N GLU C 79 26.70 -23.52 -34.00
CA GLU C 79 26.46 -22.68 -35.16
C GLU C 79 27.58 -22.88 -36.18
N ALA C 80 27.24 -22.85 -37.47
CA ALA C 80 28.25 -22.84 -38.54
C ALA C 80 29.19 -24.05 -38.50
N SER C 81 28.62 -25.21 -38.23
CA SER C 81 29.40 -26.45 -38.23
C SER C 81 29.78 -26.91 -39.65
N ASP C 82 29.10 -26.38 -40.67
CA ASP C 82 29.47 -26.67 -42.05
C ASP C 82 30.66 -25.83 -42.55
N TYR C 83 30.66 -24.53 -42.22
CA TYR C 83 31.78 -23.64 -42.55
C TYR C 83 31.72 -22.30 -41.82
N LEU C 84 32.86 -21.63 -41.75
CA LEU C 84 32.91 -20.20 -41.45
C LEU C 84 33.65 -19.55 -42.61
N SER C 85 33.29 -18.30 -42.92
CA SER C 85 33.80 -17.65 -44.12
C SER C 85 34.55 -16.35 -43.84
N GLN C 86 35.36 -15.95 -44.81
CA GLN C 86 36.16 -14.72 -44.72
C GLN C 86 35.31 -13.47 -44.83
N ASN C 87 34.28 -13.51 -45.66
CA ASN C 87 33.40 -12.35 -45.89
C ASN C 87 32.09 -12.78 -46.57
N PRO C 88 31.16 -11.83 -46.78
CA PRO C 88 29.86 -12.16 -47.41
C PRO C 88 29.99 -12.80 -48.79
N LEU C 89 30.94 -12.35 -49.61
CA LEU C 89 31.18 -12.96 -50.91
C LEU C 89 31.59 -14.43 -50.75
N HIS C 90 32.50 -14.68 -49.80
CA HIS C 90 32.94 -16.04 -49.50
C HIS C 90 31.79 -16.91 -49.00
N SER C 91 30.98 -16.36 -48.09
CA SER C 91 29.85 -17.11 -47.55
C SER C 91 28.87 -17.58 -48.63
N ARG C 92 28.57 -16.68 -49.58
CA ARG C 92 27.67 -17.00 -50.69
C ARG C 92 28.23 -18.12 -51.57
N TYR C 93 29.53 -18.10 -51.79
CA TYR C 93 30.23 -19.15 -52.52
C TYR C 93 30.16 -20.49 -51.77
N LEU C 94 30.41 -20.46 -50.46
CA LEU C 94 30.44 -21.68 -49.66
C LEU C 94 29.06 -22.27 -49.42
N ALA C 95 28.06 -21.40 -49.28
CA ALA C 95 26.66 -21.80 -49.12
C ALA C 95 26.15 -22.70 -50.26
N GLN C 96 26.67 -22.50 -51.47
CA GLN C 96 26.33 -23.34 -52.61
C GLN C 96 26.70 -24.81 -52.37
N LYS C 97 27.71 -25.01 -51.53
CA LYS C 97 28.25 -26.34 -51.23
C LYS C 97 27.53 -27.01 -50.05
N SER C 98 26.77 -26.20 -49.31
CA SER C 98 26.10 -26.67 -48.09
C SER C 98 25.04 -27.76 -48.30
N PRO C 99 24.20 -27.67 -49.36
CA PRO C 99 23.21 -28.72 -49.55
C PRO C 99 23.81 -30.13 -49.68
N LYS C 100 24.97 -30.25 -50.32
CA LYS C 100 25.65 -31.54 -50.45
C LYS C 100 26.19 -32.01 -49.09
N PHE C 101 26.77 -31.07 -48.34
CA PHE C 101 27.21 -31.33 -46.97
C PHE C 101 26.05 -31.96 -46.17
N ILE C 102 24.88 -31.34 -46.24
CA ILE C 102 23.71 -31.81 -45.49
C ILE C 102 23.24 -33.20 -45.94
N ARG C 103 23.17 -33.43 -47.25
CA ARG C 103 22.77 -34.74 -47.78
C ARG C 103 23.76 -35.86 -47.41
N GLN C 104 25.04 -35.53 -47.41
CA GLN C 104 26.07 -36.48 -47.00
C GLN C 104 26.01 -36.74 -45.50
N LEU C 105 25.72 -35.69 -44.73
CA LEU C 105 25.53 -35.81 -43.28
C LEU C 105 24.32 -36.72 -42.96
N GLN C 106 23.21 -36.52 -43.67
CA GLN C 106 22.02 -37.35 -43.50
C GLN C 106 22.36 -38.84 -43.71
N SER C 107 23.07 -39.14 -44.79
CA SER C 107 23.53 -40.50 -45.06
C SER C 107 24.47 -41.01 -43.97
N SER C 108 25.40 -40.15 -43.53
CA SER C 108 26.37 -40.50 -42.50
C SER C 108 25.71 -40.87 -41.16
N ILE C 109 24.67 -40.13 -40.80
CA ILE C 109 23.91 -40.42 -39.57
C ILE C 109 23.24 -41.80 -39.62
N THR C 110 22.58 -42.11 -40.74
CA THR C 110 21.94 -43.42 -40.90
C THR C 110 22.98 -44.53 -40.93
N ASP C 111 24.12 -44.28 -41.57
CA ASP C 111 25.26 -45.19 -41.53
C ASP C 111 25.78 -45.46 -40.11
N LEU C 112 25.95 -44.39 -39.34
CA LEU C 112 26.50 -44.49 -37.99
C LEU C 112 25.52 -45.16 -37.04
N VAL C 113 24.23 -44.84 -37.19
CA VAL C 113 23.18 -45.45 -36.39
C VAL C 113 23.10 -46.96 -36.66
N ARG C 114 23.11 -47.33 -37.94
CA ARG C 114 23.02 -48.73 -38.34
C ARG C 114 24.28 -49.51 -37.94
N ASP C 115 25.45 -48.90 -38.12
CA ASP C 115 26.72 -49.55 -37.78
C ASP C 115 26.85 -49.83 -36.28
N ASN C 116 26.47 -48.85 -35.46
CA ASN C 116 26.55 -48.97 -34.01
C ASN C 116 25.33 -49.62 -33.37
N SER C 117 24.29 -49.84 -34.17
CA SER C 117 23.01 -50.40 -33.69
C SER C 117 22.40 -49.59 -32.55
N ARG C 118 22.48 -48.26 -32.67
CA ARG C 118 21.93 -47.37 -31.66
C ARG C 118 21.50 -46.06 -32.28
N ASN C 119 20.29 -45.63 -31.92
CA ASN C 119 19.75 -44.37 -32.42
C ASN C 119 20.43 -43.15 -31.80
N ILE C 120 20.57 -42.11 -32.61
CA ILE C 120 20.93 -40.77 -32.12
C ILE C 120 20.28 -39.72 -33.03
N ASP C 121 19.90 -38.60 -32.41
CA ASP C 121 19.39 -37.45 -33.13
C ASP C 121 20.49 -36.38 -33.12
N VAL C 122 20.47 -35.51 -34.11
CA VAL C 122 21.52 -34.51 -34.29
C VAL C 122 20.91 -33.13 -34.48
N SER C 123 21.38 -32.19 -33.66
CA SER C 123 21.07 -30.77 -33.82
C SER C 123 22.36 -30.11 -34.27
N ILE C 124 22.32 -29.44 -35.42
CA ILE C 124 23.53 -28.90 -36.01
C ILE C 124 23.27 -27.59 -36.77
N GLY C 125 24.12 -26.60 -36.52
CA GLY C 125 24.05 -25.33 -37.23
C GLY C 125 24.73 -25.42 -38.58
N VAL C 126 24.02 -25.00 -39.62
CA VAL C 126 24.60 -24.96 -40.96
C VAL C 126 24.20 -23.68 -41.68
N HIS C 127 24.62 -23.55 -42.93
CA HIS C 127 24.18 -22.46 -43.79
C HIS C 127 23.38 -23.04 -44.94
N LEU C 128 22.44 -22.26 -45.46
CA LEU C 128 21.75 -22.62 -46.70
C LEU C 128 21.82 -21.47 -47.70
N PRO C 129 21.97 -21.78 -49.00
CA PRO C 129 21.99 -20.71 -49.99
C PRO C 129 20.58 -20.13 -50.19
N PRO C 130 20.47 -18.91 -50.74
CA PRO C 130 19.15 -18.37 -51.04
C PRO C 130 18.41 -19.27 -52.02
N SER C 131 17.09 -19.38 -51.86
CA SER C 131 16.26 -20.12 -52.79
C SER C 131 16.13 -19.38 -54.12
N GLU C 132 15.62 -20.08 -55.14
CA GLU C 132 15.41 -19.47 -56.46
C GLU C 132 14.52 -18.24 -56.35
N GLN C 133 13.47 -18.33 -55.53
CA GLN C 133 12.53 -17.23 -55.31
C GLN C 133 13.19 -16.03 -54.64
N ASP C 134 14.10 -16.29 -53.68
CA ASP C 134 14.85 -15.25 -53.00
C ASP C 134 15.63 -14.38 -53.99
N LEU C 135 16.30 -15.02 -54.94
CA LEU C 135 17.11 -14.33 -55.94
C LEU C 135 16.24 -13.44 -56.83
N LEU C 136 15.07 -13.95 -57.20
CA LEU C 136 14.11 -13.20 -58.02
C LEU C 136 13.55 -11.99 -57.28
N GLU C 137 13.48 -12.09 -55.96
CA GLU C 137 13.02 -10.98 -55.11
C GLU C 137 14.17 -10.05 -54.71
N GLY C 138 15.37 -10.34 -55.20
CA GLY C 138 16.55 -9.53 -54.94
C GLY C 138 17.19 -9.76 -53.59
N ASN C 139 16.92 -10.94 -53.01
CA ASN C 139 17.47 -11.32 -51.70
C ASN C 139 18.50 -12.46 -51.86
N ASP C 140 19.72 -12.09 -52.21
CA ASP C 140 20.79 -13.06 -52.46
C ASP C 140 21.59 -13.43 -51.20
N ARG C 141 20.96 -13.32 -50.05
CA ARG C 141 21.61 -13.58 -48.78
C ARG C 141 21.48 -15.04 -48.35
N VAL C 142 22.46 -15.52 -47.61
CA VAL C 142 22.46 -16.91 -47.15
C VAL C 142 21.61 -17.07 -45.88
N ARG C 143 21.24 -18.31 -45.58
CA ARG C 143 20.39 -18.62 -44.45
C ARG C 143 21.20 -19.30 -43.35
N ASN C 144 21.16 -18.74 -42.14
CA ASN C 144 21.82 -19.33 -40.99
C ASN C 144 20.79 -20.22 -40.31
N VAL C 145 20.97 -21.53 -40.43
CA VAL C 145 19.90 -22.48 -40.08
C VAL C 145 20.37 -23.54 -39.08
N LEU C 146 19.48 -23.88 -38.15
CA LEU C 146 19.71 -24.97 -37.21
C LEU C 146 18.83 -26.14 -37.62
N LEU C 147 19.47 -27.22 -38.06
CA LEU C 147 18.78 -28.45 -38.44
C LEU C 147 18.65 -29.41 -37.27
N TYR C 148 17.47 -30.00 -37.13
CA TYR C 148 17.30 -31.16 -36.27
C TYR C 148 17.08 -32.37 -37.17
N ILE C 149 18.03 -33.30 -37.12
CA ILE C 149 18.00 -34.50 -37.96
C ILE C 149 17.84 -35.71 -37.05
N ASP C 150 16.80 -36.51 -37.28
CA ASP C 150 16.57 -37.68 -36.44
C ASP C 150 17.40 -38.89 -36.87
N HIS C 151 17.27 -39.99 -36.14
CA HIS C 151 18.06 -41.21 -36.40
C HIS C 151 17.79 -41.88 -37.75
N GLU C 152 16.69 -41.49 -38.39
CA GLU C 152 16.37 -41.95 -39.74
C GLU C 152 17.02 -41.05 -40.80
N GLY C 153 17.75 -40.04 -40.35
CA GLY C 153 18.36 -39.07 -41.24
C GLY C 153 17.37 -38.08 -41.84
N LYS C 154 16.20 -37.98 -41.22
CA LYS C 154 15.17 -37.07 -41.70
C LYS C 154 15.30 -35.73 -41.00
N ILE C 155 15.25 -34.65 -41.78
CA ILE C 155 15.26 -33.30 -41.21
C ILE C 155 13.88 -32.99 -40.65
N LEU C 156 13.79 -32.89 -39.32
CA LEU C 156 12.53 -32.61 -38.66
C LEU C 156 12.26 -31.11 -38.50
N GLN C 157 13.32 -30.31 -38.50
CA GLN C 157 13.20 -28.87 -38.35
C GLN C 157 14.34 -28.13 -39.03
N GLU C 158 14.02 -27.00 -39.65
CA GLU C 158 15.01 -26.08 -40.20
C GLU C 158 14.76 -24.69 -39.60
N TYR C 159 15.37 -24.40 -38.47
CA TYR C 159 15.19 -23.10 -37.83
C TYR C 159 16.12 -22.06 -38.43
N GLN C 160 15.54 -21.00 -38.99
CA GLN C 160 16.30 -19.90 -39.56
C GLN C 160 16.49 -18.76 -38.54
N LYS C 161 17.75 -18.42 -38.27
CA LYS C 161 18.12 -17.44 -37.25
C LYS C 161 17.30 -16.14 -37.32
N LEU C 162 16.67 -15.78 -36.20
CA LEU C 162 15.79 -14.62 -36.14
C LEU C 162 16.51 -13.30 -35.86
N HIS C 163 17.50 -13.32 -34.97
CA HIS C 163 18.21 -12.10 -34.58
C HIS C 163 19.64 -12.11 -35.14
N LEU C 164 19.97 -11.16 -36.01
CA LEU C 164 21.27 -11.18 -36.69
C LEU C 164 22.35 -10.34 -36.04
N PHE C 165 23.56 -10.89 -35.96
CA PHE C 165 24.66 -10.30 -35.21
C PHE C 165 25.28 -9.09 -35.92
N ASP C 166 24.68 -7.92 -35.71
CA ASP C 166 25.19 -6.65 -36.23
C ASP C 166 25.74 -5.80 -35.08
N VAL C 167 27.01 -5.99 -34.77
CA VAL C 167 27.61 -5.45 -33.54
C VAL C 167 29.04 -4.95 -33.77
N ASP C 168 29.34 -3.77 -33.21
CA ASP C 168 30.71 -3.30 -33.04
C ASP C 168 31.25 -4.00 -31.79
N VAL C 169 31.92 -5.12 -31.98
CA VAL C 169 32.45 -5.92 -30.87
C VAL C 169 33.47 -5.11 -30.07
N PRO C 170 33.18 -4.90 -28.77
CA PRO C 170 33.94 -4.10 -27.81
C PRO C 170 35.40 -4.56 -27.73
N ASN C 171 36.30 -3.78 -28.30
CA ASN C 171 37.72 -4.14 -28.40
C ASN C 171 37.94 -5.51 -29.07
N PRO C 173 36.41 -6.18 -33.68
CA PRO C 173 36.06 -5.84 -35.06
C PRO C 173 34.60 -5.42 -35.21
N ILE C 174 34.29 -4.70 -36.29
CA ILE C 174 32.92 -4.28 -36.59
C ILE C 174 32.23 -5.33 -37.48
N LEU C 175 31.34 -6.12 -36.86
CA LEU C 175 30.65 -7.21 -37.56
C LEU C 175 29.24 -6.84 -37.99
N LYS C 176 28.86 -7.28 -39.20
CA LYS C 176 27.50 -7.10 -39.70
C LYS C 176 27.01 -8.36 -40.43
N GLU C 177 26.40 -9.26 -39.68
CA GLU C 177 25.90 -10.54 -40.22
C GLU C 177 24.82 -10.36 -41.29
N SER C 178 24.04 -9.29 -41.19
CA SER C 178 22.96 -9.02 -42.15
C SER C 178 23.47 -8.60 -43.53
N LYS C 179 24.78 -8.41 -43.66
CA LYS C 179 25.41 -8.18 -44.97
C LYS C 179 25.47 -9.46 -45.82
N SER C 180 25.43 -10.61 -45.14
CA SER C 180 25.49 -11.90 -45.84
C SER C 180 24.29 -12.79 -45.54
N VAL C 181 23.61 -12.53 -44.42
CA VAL C 181 22.60 -13.45 -43.90
C VAL C 181 21.20 -12.82 -43.87
N GLN C 182 20.20 -13.62 -44.26
CA GLN C 182 18.79 -13.19 -44.21
C GLN C 182 18.08 -13.70 -42.94
N PRO C 183 17.36 -12.81 -42.25
CA PRO C 183 16.70 -13.21 -41.00
C PRO C 183 15.51 -14.15 -41.24
N GLY C 184 15.25 -15.03 -40.27
CA GLY C 184 14.15 -15.98 -40.36
C GLY C 184 12.77 -15.32 -40.25
N LYS C 185 11.74 -16.08 -40.59
CA LYS C 185 10.36 -15.58 -40.65
C LYS C 185 9.48 -16.13 -39.53
N ALA C 186 9.96 -17.12 -38.80
CA ALA C 186 9.09 -17.84 -37.86
C ALA C 186 9.76 -18.29 -36.57
N ILE C 187 8.96 -18.33 -35.50
CA ILE C 187 9.36 -18.95 -34.26
C ILE C 187 9.41 -20.47 -34.49
N PRO C 188 10.50 -21.13 -34.05
CA PRO C 188 10.59 -22.58 -34.25
C PRO C 188 9.65 -23.35 -33.34
N ASP C 189 8.99 -24.37 -33.89
CA ASP C 189 8.14 -25.25 -33.08
C ASP C 189 8.98 -26.00 -32.05
N ILE C 190 8.36 -26.37 -30.94
CA ILE C 190 8.99 -27.23 -29.96
C ILE C 190 9.17 -28.62 -30.59
N ILE C 191 10.33 -29.22 -30.37
CA ILE C 191 10.61 -30.57 -30.88
C ILE C 191 10.46 -31.58 -29.74
N GLU C 192 9.67 -32.62 -30.00
CA GLU C 192 9.54 -33.75 -29.07
C GLU C 192 10.73 -34.67 -29.27
N SER C 193 11.85 -34.31 -28.63
CA SER C 193 13.10 -35.05 -28.76
C SER C 193 13.13 -36.25 -27.80
N PRO C 194 14.09 -37.18 -27.98
CA PRO C 194 14.28 -38.27 -27.02
C PRO C 194 14.56 -37.80 -25.60
N LEU C 195 15.06 -36.57 -25.46
CA LEU C 195 15.39 -35.99 -24.15
C LEU C 195 14.20 -35.30 -23.49
N GLY C 196 13.18 -35.01 -24.28
CA GLY C 196 12.06 -34.18 -23.84
C GLY C 196 11.78 -33.05 -24.81
N LYS C 197 11.01 -32.07 -24.37
CA LYS C 197 10.58 -30.97 -25.22
C LYS C 197 11.71 -29.96 -25.42
N LEU C 198 12.09 -29.76 -26.68
CA LEU C 198 13.26 -28.96 -27.02
C LEU C 198 12.90 -27.68 -27.78
N GLY C 199 13.41 -26.56 -27.29
CA GLY C 199 13.27 -25.27 -27.95
C GLY C 199 14.64 -24.88 -28.50
N SER C 200 14.66 -24.43 -29.76
CA SER C 200 15.91 -24.20 -30.47
C SER C 200 16.14 -22.72 -30.78
N ALA C 201 17.41 -22.32 -30.68
CA ALA C 201 17.81 -20.95 -31.00
C ALA C 201 19.27 -20.93 -31.46
N ILE C 202 19.67 -19.83 -32.09
CA ILE C 202 21.04 -19.68 -32.57
C ILE C 202 21.66 -18.40 -32.02
N CYS C 203 22.84 -18.40 -31.35
CA CYS C 203 23.90 -17.41 -31.07
C CYS C 203 23.23 -16.17 -30.48
N TYR C 204 23.13 -15.12 -31.26
CA TYR C 204 22.60 -13.80 -30.86
C TYR C 204 21.21 -13.89 -30.24
N ASP C 205 20.47 -14.87 -30.79
CA ASP C 205 19.13 -15.14 -30.23
C ASP C 205 19.11 -15.15 -28.70
N ILE C 206 20.19 -15.62 -28.09
CA ILE C 206 20.26 -15.78 -26.63
C ILE C 206 20.12 -14.44 -25.87
N ARG C 207 20.41 -13.34 -26.56
CA ARG C 207 20.40 -12.01 -25.96
C ARG C 207 19.02 -11.36 -25.87
N PHE C 208 18.03 -12.02 -26.45
CA PHE C 208 16.66 -11.52 -26.50
C PHE C 208 15.78 -12.45 -25.67
N PRO C 209 15.62 -12.12 -24.36
CA PRO C 209 14.96 -13.01 -23.40
C PRO C 209 13.53 -13.38 -23.78
N GLU C 210 12.82 -12.49 -24.49
CA GLU C 210 11.45 -12.77 -24.90
C GLU C 210 11.33 -14.06 -25.74
N PHE C 211 12.38 -14.37 -26.51
CA PHE C 211 12.41 -15.57 -27.35
C PHE C 211 12.42 -16.82 -26.46
N SER C 212 13.36 -16.88 -25.52
CA SER C 212 13.46 -17.98 -24.58
C SER C 212 12.18 -18.15 -23.76
N LEU C 213 11.63 -17.03 -23.28
CA LEU C 213 10.36 -17.06 -22.55
C LEU C 213 9.22 -17.64 -23.39
N LYS C 214 9.18 -17.27 -24.66
CA LYS C 214 8.15 -17.79 -25.58
C LYS C 214 8.30 -19.30 -25.76
N LEU C 215 9.54 -19.78 -25.93
CA LEU C 215 9.79 -21.21 -26.07
C LEU C 215 9.35 -21.99 -24.84
N ARG C 216 9.64 -21.47 -23.65
CA ARG C 216 9.12 -22.08 -22.41
C ARG C 216 7.58 -22.05 -22.37
N SER C 217 6.98 -20.94 -22.78
CA SER C 217 5.52 -20.83 -22.85
C SER C 217 4.92 -21.89 -23.79
N MET C 218 5.64 -22.17 -24.89
CA MET C 218 5.21 -23.17 -25.87
C MET C 218 5.43 -24.60 -25.37
N GLY C 219 6.19 -24.75 -24.29
CA GLY C 219 6.34 -26.04 -23.63
C GLY C 219 7.76 -26.57 -23.49
N ALA C 220 8.76 -25.74 -23.77
CA ALA C 220 10.16 -26.19 -23.73
C ALA C 220 10.58 -26.65 -22.34
N GLU C 221 11.33 -27.76 -22.31
CA GLU C 221 12.00 -28.25 -21.10
C GLU C 221 13.51 -28.09 -21.28
N ILE C 222 13.94 -27.98 -22.53
CA ILE C 222 15.36 -27.90 -22.88
C ILE C 222 15.51 -26.83 -23.94
N LEU C 223 16.47 -25.91 -23.73
CA LEU C 223 16.82 -24.92 -24.74
C LEU C 223 18.24 -25.15 -25.24
N CYS C 224 18.47 -24.89 -26.52
CA CYS C 224 19.83 -24.96 -27.05
C CYS C 224 20.22 -23.67 -27.76
N PHE C 225 21.47 -23.26 -27.57
CA PHE C 225 22.00 -22.07 -28.22
C PHE C 225 23.32 -22.37 -28.92
N PRO C 226 23.30 -23.18 -30.01
CA PRO C 226 24.53 -23.38 -30.78
C PRO C 226 25.09 -22.04 -31.25
N SER C 227 26.38 -21.84 -31.05
CA SER C 227 26.95 -20.50 -31.14
C SER C 227 28.37 -20.47 -31.68
N ALA C 228 28.71 -19.31 -32.24
CA ALA C 228 30.09 -18.96 -32.54
C ALA C 228 30.33 -17.60 -31.85
N PHE C 229 30.65 -17.65 -30.56
CA PHE C 229 30.83 -16.44 -29.73
C PHE C 229 32.23 -15.86 -29.87
N THR C 230 32.32 -14.54 -29.89
CA THR C 230 33.63 -13.85 -29.87
C THR C 230 34.27 -14.01 -28.49
N ILE C 231 35.59 -13.84 -28.45
CA ILE C 231 36.34 -13.90 -27.19
C ILE C 231 35.88 -12.82 -26.20
N LYS C 232 35.77 -11.59 -26.68
CA LYS C 232 35.42 -10.46 -25.83
C LYS C 232 34.04 -10.61 -25.16
N THR C 233 33.01 -10.85 -25.97
CA THR C 233 31.66 -11.03 -25.47
C THR C 233 31.50 -12.38 -24.75
N GLY C 234 32.26 -13.38 -25.19
CA GLY C 234 32.27 -14.68 -24.53
C GLY C 234 32.80 -14.64 -23.10
N GLU C 235 33.93 -13.96 -22.91
CA GLU C 235 34.53 -13.78 -21.59
C GLU C 235 33.59 -13.04 -20.65
N ALA C 236 32.88 -12.06 -21.19
CA ALA C 236 31.97 -11.22 -20.41
C ALA C 236 30.63 -11.89 -20.12
N HIS C 237 30.04 -12.52 -21.15
CA HIS C 237 28.61 -12.86 -21.11
C HIS C 237 28.18 -14.31 -21.38
N TRP C 238 29.07 -15.13 -21.93
CA TRP C 238 28.67 -16.49 -22.34
C TRP C 238 28.04 -17.32 -21.21
N GLU C 239 28.80 -17.51 -20.13
CA GLU C 239 28.29 -18.25 -18.97
C GLU C 239 27.08 -17.55 -18.31
N LEU C 240 27.16 -16.22 -18.23
CA LEU C 240 26.09 -15.40 -17.64
C LEU C 240 24.76 -15.57 -18.37
N LEU C 241 24.78 -15.44 -19.69
CA LEU C 241 23.57 -15.55 -20.52
C LEU C 241 22.98 -16.96 -20.50
N GLY C 242 23.85 -17.98 -20.51
CA GLY C 242 23.39 -19.36 -20.47
C GLY C 242 22.69 -19.66 -19.15
N ARG C 243 23.34 -19.31 -18.05
CA ARG C 243 22.79 -19.53 -16.72
C ARG C 243 21.50 -18.73 -16.50
N ALA C 244 21.50 -17.49 -16.99
CA ALA C 244 20.32 -16.62 -16.88
C ALA C 244 19.12 -17.22 -17.60
N ARG C 245 19.30 -17.63 -18.85
CA ARG C 245 18.20 -18.24 -19.61
C ARG C 245 17.68 -19.48 -18.89
N ALA C 246 18.59 -20.28 -18.34
CA ALA C 246 18.21 -21.50 -17.62
C ALA C 246 17.34 -21.16 -16.42
N VAL C 247 17.78 -20.18 -15.63
CA VAL C 247 17.07 -19.74 -14.42
C VAL C 247 15.75 -19.04 -14.77
N ASP C 248 15.77 -18.18 -15.79
CA ASP C 248 14.57 -17.46 -16.26
C ASP C 248 13.46 -18.42 -16.68
N THR C 249 13.84 -19.50 -17.37
CA THR C 249 12.87 -20.37 -18.03
C THR C 249 12.66 -21.70 -17.32
N GLN C 250 13.49 -21.98 -16.32
CA GLN C 250 13.49 -23.27 -15.61
C GLN C 250 13.61 -24.42 -16.60
N CYS C 251 14.63 -24.30 -17.45
CA CYS C 251 14.91 -25.28 -18.49
C CYS C 251 16.36 -25.68 -18.40
N TYR C 252 16.67 -26.91 -18.81
CA TYR C 252 18.05 -27.27 -19.08
C TYR C 252 18.48 -26.43 -20.26
N VAL C 253 19.71 -25.94 -20.23
CA VAL C 253 20.25 -25.14 -21.33
C VAL C 253 21.53 -25.77 -21.85
N LEU C 254 21.57 -25.97 -23.16
CA LEU C 254 22.70 -26.57 -23.85
C LEU C 254 23.39 -25.53 -24.67
N MET C 255 24.71 -25.45 -24.52
CA MET C 255 25.49 -24.39 -25.16
CA MET C 255 25.51 -24.39 -25.12
C MET C 255 26.68 -24.97 -25.94
N PRO C 256 26.41 -25.42 -27.18
CA PRO C 256 27.51 -25.88 -28.04
C PRO C 256 28.18 -24.69 -28.71
N GLY C 257 29.49 -24.57 -28.53
CA GLY C 257 30.21 -23.42 -29.06
C GLY C 257 31.38 -23.77 -29.96
N GLN C 258 31.62 -22.92 -30.97
CA GLN C 258 32.89 -22.92 -31.68
C GLN C 258 34.00 -22.56 -30.69
N VAL C 259 35.21 -23.04 -30.94
CA VAL C 259 36.34 -22.73 -30.06
C VAL C 259 37.62 -22.47 -30.84
N GLY C 260 38.49 -21.64 -30.27
CA GLY C 260 39.88 -21.50 -30.75
C GLY C 260 40.05 -20.59 -31.94
N MET C 261 41.25 -20.61 -32.50
CA MET C 261 41.57 -19.81 -33.67
C MET C 261 41.23 -20.57 -34.95
N HIS C 262 40.40 -19.96 -35.78
CA HIS C 262 40.00 -20.55 -37.05
C HIS C 262 40.95 -20.11 -38.16
N ASP C 263 41.17 -21.00 -39.12
CA ASP C 263 41.88 -20.67 -40.34
C ASP C 263 40.87 -20.79 -41.47
N LEU C 264 40.45 -19.67 -42.01
CA LEU C 264 39.38 -19.63 -43.01
C LEU C 264 39.91 -19.47 -44.43
N SER C 265 41.20 -19.76 -44.61
CA SER C 265 41.82 -19.64 -45.93
C SER C 265 41.22 -20.66 -46.90
N ASP C 266 41.17 -20.26 -48.17
CA ASP C 266 40.50 -21.03 -49.22
C ASP C 266 41.16 -20.64 -50.53
N PRO C 267 42.32 -21.26 -50.84
CA PRO C 267 43.09 -20.91 -52.04
C PRO C 267 42.23 -20.86 -53.30
N GLU C 268 41.38 -21.88 -53.49
CA GLU C 268 40.54 -21.99 -54.68
C GLU C 268 39.55 -20.85 -54.87
N TRP C 269 38.87 -20.45 -53.78
CA TRP C 269 38.03 -19.24 -53.82
C TRP C 269 38.85 -17.96 -54.00
N GLU C 270 39.98 -17.88 -53.30
CA GLU C 270 40.86 -16.71 -53.35
C GLU C 270 41.42 -16.47 -54.76
N LYS C 271 41.76 -17.55 -55.45
CA LYS C 271 42.23 -17.50 -56.82
C LYS C 271 41.12 -17.11 -57.79
N GLN C 272 39.99 -17.81 -57.71
CA GLN C 272 38.85 -17.60 -58.60
C GLN C 272 38.27 -16.18 -58.53
N SER C 273 38.27 -15.58 -57.35
CA SER C 273 37.76 -14.22 -57.16
C SER C 273 38.87 -13.17 -57.25
N HIS C 274 40.06 -13.61 -57.67
CA HIS C 274 41.23 -12.74 -57.94
C HIS C 274 41.60 -11.83 -56.77
N MET C 275 41.79 -12.42 -55.60
CA MET C 275 42.06 -11.66 -54.38
C MET C 275 43.54 -11.31 -54.22
N SER C 276 43.80 -10.11 -53.72
CA SER C 276 45.12 -9.77 -53.19
C SER C 276 45.21 -10.32 -51.77
N ALA C 277 46.41 -10.67 -51.35
CA ALA C 277 46.64 -11.16 -49.98
C ALA C 277 46.32 -10.09 -48.92
N LEU C 278 46.33 -8.83 -49.34
CA LEU C 278 46.01 -7.68 -48.47
C LEU C 278 44.53 -7.58 -48.07
N GLU C 279 43.65 -8.23 -48.82
CA GLU C 279 42.22 -8.21 -48.53
C GLU C 279 41.71 -9.53 -47.94
N LYS C 280 42.63 -10.44 -47.65
CA LYS C 280 42.31 -11.69 -46.94
C LYS C 280 41.89 -11.39 -45.51
N SER C 281 40.86 -12.10 -45.04
CA SER C 281 40.39 -11.98 -43.66
C SER C 281 40.08 -13.36 -43.10
N SER C 282 41.11 -14.18 -42.96
CA SER C 282 40.96 -15.60 -42.67
C SER C 282 41.11 -15.97 -41.19
N ARG C 283 41.38 -14.98 -40.34
CA ARG C 283 41.50 -15.22 -38.90
C ARG C 283 40.21 -14.87 -38.15
N ARG C 284 39.73 -15.82 -37.37
CA ARG C 284 38.63 -15.62 -36.44
C ARG C 284 38.98 -16.41 -35.19
N GLU C 285 38.46 -16.01 -34.04
CA GLU C 285 38.60 -16.81 -32.83
C GLU C 285 37.34 -16.84 -31.99
N SER C 286 37.05 -18.03 -31.47
CA SER C 286 35.81 -18.29 -30.77
C SER C 286 36.06 -18.72 -29.33
N TRP C 287 35.07 -18.46 -28.48
CA TRP C 287 35.21 -18.61 -27.03
C TRP C 287 35.20 -20.05 -26.52
N GLY C 288 34.42 -20.92 -27.18
CA GLY C 288 34.25 -22.27 -26.69
C GLY C 288 33.52 -22.27 -25.36
N HIS C 289 34.12 -22.92 -24.34
CA HIS C 289 33.50 -23.10 -23.03
C HIS C 289 32.09 -23.70 -23.13
N SER C 290 31.94 -24.67 -24.03
CA SER C 290 30.65 -25.35 -24.21
C SER C 290 30.21 -25.97 -22.91
N MET C 291 28.90 -25.93 -22.64
CA MET C 291 28.42 -26.36 -21.34
C MET C 291 26.97 -26.84 -21.35
N VAL C 292 26.61 -27.54 -20.28
CA VAL C 292 25.23 -27.90 -20.00
C VAL C 292 24.87 -27.32 -18.63
N ILE C 293 23.72 -26.65 -18.58
CA ILE C 293 23.26 -25.98 -17.37
C ILE C 293 21.91 -26.55 -16.95
N ASP C 294 21.75 -26.79 -15.65
CA ASP C 294 20.48 -27.31 -15.14
C ASP C 294 19.46 -26.19 -14.92
N PRO C 295 18.18 -26.54 -14.67
CA PRO C 295 17.12 -25.53 -14.55
C PRO C 295 17.25 -24.57 -13.36
N TRP C 296 18.23 -24.83 -12.49
CA TRP C 296 18.48 -23.99 -11.32
C TRP C 296 19.73 -23.12 -11.55
N GLY C 297 20.33 -23.25 -12.73
CA GLY C 297 21.50 -22.45 -13.10
C GLY C 297 22.85 -23.08 -12.80
N LYS C 298 22.84 -24.34 -12.40
CA LYS C 298 24.06 -25.08 -12.10
C LYS C 298 24.67 -25.64 -13.39
N ILE C 299 25.96 -25.35 -13.60
CA ILE C 299 26.72 -25.94 -14.70
C ILE C 299 27.02 -27.39 -14.35
N ILE C 300 26.42 -28.31 -15.09
CA ILE C 300 26.57 -29.73 -14.76
C ILE C 300 27.52 -30.46 -15.71
N ALA C 301 27.84 -29.83 -16.83
CA ALA C 301 28.89 -30.30 -17.73
C ALA C 301 29.54 -29.10 -18.41
N HIS C 302 30.85 -29.20 -18.66
CA HIS C 302 31.62 -28.08 -19.20
C HIS C 302 32.81 -28.60 -20.00
N ALA C 303 33.10 -27.94 -21.12
CA ALA C 303 34.24 -28.29 -21.96
C ALA C 303 35.54 -28.22 -21.16
N ASP C 304 36.43 -29.18 -21.40
CA ASP C 304 37.73 -29.20 -20.74
C ASP C 304 38.67 -28.20 -21.44
N PRO C 305 39.07 -27.14 -20.71
CA PRO C 305 39.91 -26.09 -21.29
C PRO C 305 41.30 -26.57 -21.73
N SER C 306 41.73 -27.73 -21.21
CA SER C 306 43.06 -28.26 -21.53
C SER C 306 43.10 -29.08 -22.83
N THR C 307 41.95 -29.57 -23.30
CA THR C 307 41.92 -30.23 -24.62
C THR C 307 41.69 -29.23 -25.75
N VAL C 308 42.48 -29.36 -26.81
CA VAL C 308 42.57 -28.36 -27.86
C VAL C 308 41.57 -28.53 -29.01
N GLY C 309 41.47 -29.74 -29.56
CA GLY C 309 40.64 -29.94 -30.74
C GLY C 309 39.14 -30.05 -30.44
N PRO C 310 38.39 -30.62 -31.39
CA PRO C 310 36.98 -30.91 -31.13
C PRO C 310 36.83 -31.76 -29.87
N GLN C 311 35.78 -31.51 -29.10
CA GLN C 311 35.50 -32.32 -27.93
C GLN C 311 34.00 -32.44 -27.65
N LEU C 312 33.67 -33.48 -26.90
CA LEU C 312 32.31 -33.81 -26.56
C LEU C 312 32.15 -33.78 -25.05
N ILE C 313 31.08 -33.15 -24.58
CA ILE C 313 30.72 -33.21 -23.19
C ILE C 313 29.36 -33.89 -23.01
N LEU C 314 29.22 -34.62 -21.91
CA LEU C 314 28.01 -35.40 -21.65
C LEU C 314 27.32 -34.94 -20.38
N ALA C 315 26.00 -34.98 -20.40
CA ALA C 315 25.19 -34.75 -19.22
C ALA C 315 24.00 -35.69 -19.22
N ASP C 316 23.61 -36.13 -18.04
CA ASP C 316 22.38 -36.87 -17.85
C ASP C 316 21.33 -35.92 -17.30
N LEU C 317 20.22 -35.77 -18.03
CA LEU C 317 19.19 -34.81 -17.69
C LEU C 317 18.10 -35.46 -16.86
N ASP C 318 17.63 -34.72 -15.85
CA ASP C 318 16.68 -35.25 -14.87
C ASP C 318 15.33 -34.52 -14.98
N ARG C 319 14.34 -35.20 -15.53
CA ARG C 319 13.00 -34.68 -15.69
C ARG C 319 12.34 -34.37 -14.35
N GLU C 320 12.65 -35.19 -13.34
CA GLU C 320 12.06 -35.03 -12.01
C GLU C 320 12.61 -33.82 -11.23
N LEU C 321 13.87 -33.49 -11.48
CA LEU C 321 14.45 -32.26 -10.92
C LEU C 321 13.81 -31.03 -11.58
N LEU C 322 13.67 -31.08 -12.90
CA LEU C 322 13.01 -30.03 -13.66
C LEU C 322 11.60 -29.76 -13.14
N GLN C 323 10.82 -30.84 -12.99
CA GLN C 323 9.45 -30.74 -12.50
C GLN C 323 9.39 -30.19 -11.06
N GLU C 324 10.31 -30.65 -10.21
CA GLU C 324 10.42 -30.18 -8.83
C GLU C 324 10.70 -28.68 -8.74
N ILE C 325 11.64 -28.21 -9.56
CA ILE C 325 11.97 -26.79 -9.60
C ILE C 325 10.76 -25.96 -10.04
N ARG C 326 10.07 -26.42 -11.08
CA ARG C 326 8.89 -25.71 -11.58
C ARG C 326 7.71 -25.75 -10.60
N ASN C 327 7.56 -26.87 -9.88
CA ASN C 327 6.52 -27.01 -8.86
CA ASN C 327 6.51 -27.00 -8.88
C ASN C 327 6.76 -26.06 -7.71
N LYS C 328 8.00 -25.98 -7.24
CA LYS C 328 8.35 -25.17 -6.08
C LYS C 328 8.35 -23.67 -6.34
N MET C 329 8.73 -23.27 -7.55
CA MET C 329 8.71 -21.85 -7.93
C MET C 329 7.90 -21.70 -9.22
N PRO C 330 6.56 -21.67 -9.11
CA PRO C 330 5.75 -21.77 -10.32
C PRO C 330 5.65 -20.47 -11.11
N LEU C 331 6.78 -20.03 -11.65
CA LEU C 331 6.85 -18.77 -12.41
C LEU C 331 5.78 -18.65 -13.50
N TRP C 332 5.51 -19.74 -14.22
CA TRP C 332 4.50 -19.66 -15.30
C TRP C 332 3.04 -19.58 -14.83
N ASN C 333 2.82 -19.75 -13.54
CA ASN C 333 1.51 -19.48 -12.93
C ASN C 333 1.44 -18.09 -12.32
N GLN C 334 2.52 -17.33 -12.43
CA GLN C 334 2.66 -16.07 -11.70
C GLN C 334 2.98 -14.86 -12.57
N ARG C 335 3.03 -15.06 -13.89
CA ARG C 335 3.33 -13.97 -14.82
C ARG C 335 2.17 -12.98 -14.86
N ARG C 336 2.46 -11.75 -15.24
CA ARG C 336 1.43 -10.73 -15.34
C ARG C 336 1.11 -10.46 -16.81
N ASP C 337 0.46 -11.42 -17.45
CA ASP C 337 0.08 -11.34 -18.86
C ASP C 337 -0.91 -10.20 -19.12
N ASP C 338 -1.69 -9.87 -18.09
CA ASP C 338 -2.62 -8.74 -18.15
C ASP C 338 -1.91 -7.41 -18.46
N LEU C 339 -0.63 -7.32 -18.09
CA LEU C 339 0.14 -6.09 -18.31
C LEU C 339 1.26 -6.20 -19.36
N PHE C 340 1.85 -7.39 -19.50
CA PHE C 340 3.03 -7.56 -20.38
C PHE C 340 2.75 -8.37 -21.65
N LEU D 39 -17.95 37.70 30.15
CA LEU D 39 -19.05 37.30 29.22
C LEU D 39 -19.04 38.15 27.96
N LYS D 40 -19.02 37.49 26.80
CA LYS D 40 -19.10 38.16 25.50
C LYS D 40 -20.32 37.70 24.73
N ARG D 41 -20.98 38.62 24.04
CA ARG D 41 -22.25 38.33 23.37
C ARG D 41 -22.09 37.99 21.88
N VAL D 42 -22.64 36.85 21.49
CA VAL D 42 -22.66 36.44 20.10
C VAL D 42 -24.08 36.54 19.54
N ALA D 43 -24.18 36.86 18.26
CA ALA D 43 -25.43 36.77 17.52
C ALA D 43 -25.30 35.76 16.40
N VAL D 44 -26.30 34.88 16.31
CA VAL D 44 -26.38 33.88 15.25
C VAL D 44 -27.66 34.17 14.46
N ALA D 45 -27.48 34.39 13.16
CA ALA D 45 -28.59 34.72 12.27
C ALA D 45 -29.11 33.50 11.54
N GLN D 46 -30.44 33.43 11.41
CA GLN D 46 -31.13 32.46 10.59
C GLN D 46 -31.86 33.24 9.51
N LEU D 47 -31.71 32.83 8.25
CA LEU D 47 -32.36 33.50 7.13
C LEU D 47 -32.77 32.51 6.03
N CYS D 48 -33.32 33.03 4.95
CA CYS D 48 -33.80 32.21 3.84
C CYS D 48 -33.40 32.88 2.52
N SER D 49 -32.25 32.49 1.99
CA SER D 49 -31.71 33.14 0.80
C SER D 49 -32.58 32.93 -0.43
N SER D 50 -32.67 33.97 -1.24
CA SER D 50 -33.27 33.90 -2.56
C SER D 50 -32.15 33.97 -3.61
N ALA D 51 -32.52 34.01 -4.89
CA ALA D 51 -31.56 34.20 -5.98
C ALA D 51 -31.28 35.68 -6.25
N ASP D 52 -31.95 36.54 -5.48
CA ASP D 52 -31.83 37.99 -5.63
C ASP D 52 -30.84 38.54 -4.59
N LEU D 53 -29.67 38.94 -5.07
CA LEU D 53 -28.59 39.40 -4.18
C LEU D 53 -28.91 40.73 -3.49
N THR D 54 -29.62 41.61 -4.20
CA THR D 54 -30.05 42.90 -3.66
C THR D 54 -31.00 42.70 -2.47
N LYS D 55 -31.97 41.79 -2.64
CA LYS D 55 -32.94 41.45 -1.60
C LYS D 55 -32.29 40.78 -0.39
N ASN D 56 -31.37 39.85 -0.67
CA ASN D 56 -30.62 39.17 0.38
C ASN D 56 -29.75 40.14 1.18
N LEU D 57 -29.12 41.09 0.49
CA LEU D 57 -28.28 42.11 1.14
C LEU D 57 -29.08 42.93 2.14
N LYS D 58 -30.30 43.31 1.76
CA LYS D 58 -31.21 44.05 2.63
C LYS D 58 -31.48 43.26 3.93
N VAL D 59 -31.78 41.98 3.78
CA VAL D 59 -32.02 41.08 4.92
C VAL D 59 -30.77 41.00 5.80
N VAL D 60 -29.61 40.79 5.16
CA VAL D 60 -28.32 40.70 5.86
C VAL D 60 -28.02 41.98 6.64
N LYS D 61 -28.20 43.13 5.98
CA LYS D 61 -28.00 44.44 6.64
C LYS D 61 -28.89 44.61 7.87
N GLU D 62 -30.16 44.25 7.73
CA GLU D 62 -31.13 44.34 8.83
C GLU D 62 -30.70 43.49 10.02
N LEU D 63 -30.25 42.27 9.74
CA LEU D 63 -29.80 41.34 10.79
C LEU D 63 -28.55 41.84 11.52
N ILE D 64 -27.61 42.42 10.77
CA ILE D 64 -26.40 43.01 11.35
C ILE D 64 -26.74 44.23 12.22
N SER D 65 -27.60 45.09 11.69
CA SER D 65 -28.08 46.27 12.42
C SER D 65 -28.77 45.87 13.72
N GLU D 66 -29.64 44.86 13.62
CA GLU D 66 -30.34 44.31 14.79
C GLU D 66 -29.35 43.70 15.80
N ALA D 67 -28.29 43.09 15.30
CA ALA D 67 -27.26 42.50 16.16
C ALA D 67 -26.49 43.55 16.97
N ILE D 68 -26.16 44.67 16.34
CA ILE D 68 -25.48 45.78 17.02
C ILE D 68 -26.38 46.36 18.11
N GLN D 69 -27.66 46.53 17.81
CA GLN D 69 -28.64 47.02 18.78
C GLN D 69 -28.71 46.12 20.00
N LYS D 70 -28.66 44.81 19.76
CA LYS D 70 -28.70 43.80 20.83
C LYS D 70 -27.35 43.63 21.53
N LYS D 71 -26.38 44.48 21.17
CA LYS D 71 -25.06 44.51 21.82
C LYS D 71 -24.17 43.29 21.53
N ALA D 72 -24.37 42.65 20.38
CA ALA D 72 -23.54 41.52 19.97
C ALA D 72 -22.18 41.98 19.46
N ASP D 73 -21.11 41.29 19.85
CA ASP D 73 -19.76 41.65 19.44
C ASP D 73 -19.40 41.08 18.07
N VAL D 74 -19.98 39.92 17.74
CA VAL D 74 -19.85 39.31 16.42
C VAL D 74 -21.20 38.73 16.01
N VAL D 75 -21.51 38.83 14.72
CA VAL D 75 -22.73 38.23 14.17
C VAL D 75 -22.36 37.17 13.13
N PHE D 76 -22.99 36.00 13.26
CA PHE D 76 -22.71 34.85 12.40
C PHE D 76 -23.90 34.52 11.52
N LEU D 77 -23.68 34.59 10.20
CA LEU D 77 -24.73 34.31 9.21
C LEU D 77 -24.42 33.02 8.44
N PRO D 78 -25.47 32.35 7.94
CA PRO D 78 -25.37 31.03 7.31
C PRO D 78 -24.55 30.96 6.02
N GLU D 79 -24.33 29.74 5.55
CA GLU D 79 -23.79 29.46 4.22
C GLU D 79 -24.68 30.12 3.17
N ALA D 80 -24.08 30.55 2.07
CA ALA D 80 -24.83 31.06 0.91
C ALA D 80 -25.80 32.18 1.28
N SER D 81 -25.32 33.14 2.08
CA SER D 81 -26.12 34.29 2.48
C SER D 81 -26.18 35.38 1.39
N ASP D 82 -25.36 35.24 0.34
CA ASP D 82 -25.45 36.14 -0.80
C ASP D 82 -26.50 35.69 -1.82
N TYR D 83 -26.51 34.39 -2.12
CA TYR D 83 -27.52 33.80 -2.99
C TYR D 83 -27.60 32.28 -2.86
N LEU D 84 -28.73 31.73 -3.28
CA LEU D 84 -28.83 30.32 -3.64
C LEU D 84 -29.31 30.25 -5.08
N SER D 85 -28.93 29.19 -5.79
CA SER D 85 -29.19 29.09 -7.22
C SER D 85 -30.00 27.86 -7.62
N GLN D 86 -30.55 27.91 -8.83
CA GLN D 86 -31.39 26.84 -9.37
C GLN D 86 -30.56 25.66 -9.88
N ASN D 87 -29.36 25.95 -10.40
CA ASN D 87 -28.44 24.92 -10.92
C ASN D 87 -26.99 25.42 -11.06
N PRO D 88 -26.05 24.54 -11.47
CA PRO D 88 -24.64 24.92 -11.66
C PRO D 88 -24.41 26.14 -12.55
N LEU D 89 -25.11 26.23 -13.67
CA LEU D 89 -24.98 27.35 -14.61
C LEU D 89 -25.46 28.66 -13.97
N HIS D 90 -26.58 28.59 -13.26
CA HIS D 90 -27.15 29.74 -12.57
C HIS D 90 -26.20 30.29 -11.51
N SER D 91 -25.56 29.37 -10.77
CA SER D 91 -24.58 29.74 -9.75
C SER D 91 -23.41 30.52 -10.34
N ARG D 92 -22.90 30.07 -11.48
CA ARG D 92 -21.80 30.73 -12.19
C ARG D 92 -22.20 32.15 -12.62
N TYR D 93 -23.44 32.29 -13.07
CA TYR D 93 -24.02 33.58 -13.45
C TYR D 93 -24.09 34.52 -12.25
N LEU D 94 -24.54 33.98 -11.11
CA LEU D 94 -24.75 34.78 -9.91
C LEU D 94 -23.45 35.13 -9.18
N ALA D 95 -22.47 34.24 -9.23
CA ALA D 95 -21.17 34.47 -8.58
C ALA D 95 -20.46 35.72 -9.12
N GLN D 96 -20.70 36.03 -10.40
CA GLN D 96 -20.14 37.23 -11.03
C GLN D 96 -20.60 38.53 -10.37
N LYS D 97 -21.70 38.44 -9.64
CA LYS D 97 -22.30 39.59 -8.96
C LYS D 97 -21.91 39.66 -7.48
N SER D 98 -21.22 38.63 -7.01
CA SER D 98 -20.87 38.52 -5.59
C SER D 98 -19.78 39.49 -5.10
N PRO D 99 -18.74 39.76 -5.92
CA PRO D 99 -17.76 40.75 -5.46
C PRO D 99 -18.39 42.11 -5.16
N LYS D 100 -19.41 42.49 -5.93
CA LYS D 100 -20.16 43.72 -5.68
C LYS D 100 -21.00 43.63 -4.41
N PHE D 101 -21.69 42.50 -4.23
CA PHE D 101 -22.40 42.20 -2.99
C PHE D 101 -21.47 42.38 -1.79
N ILE D 102 -20.29 41.78 -1.87
CA ILE D 102 -19.27 41.85 -0.81
C ILE D 102 -18.78 43.30 -0.58
N ARG D 103 -18.37 43.99 -1.64
CA ARG D 103 -17.92 45.38 -1.51
CA ARG D 103 -17.94 45.39 -1.56
C ARG D 103 -18.98 46.26 -0.84
N GLN D 104 -20.24 46.06 -1.21
CA GLN D 104 -21.36 46.80 -0.62
C GLN D 104 -21.59 46.40 0.84
N LEU D 105 -21.38 45.12 1.15
CA LEU D 105 -21.50 44.65 2.52
C LEU D 105 -20.43 45.28 3.43
N GLN D 106 -19.21 45.37 2.93
CA GLN D 106 -18.10 46.01 3.65
C GLN D 106 -18.41 47.46 4.02
N SER D 107 -18.96 48.21 3.06
CA SER D 107 -19.36 49.60 3.30
C SER D 107 -20.53 49.71 4.26
N SER D 108 -21.49 48.81 4.12
CA SER D 108 -22.69 48.78 4.97
C SER D 108 -22.37 48.48 6.42
N ILE D 109 -21.39 47.61 6.65
CA ILE D 109 -20.92 47.30 7.99
C ILE D 109 -20.33 48.54 8.66
N THR D 110 -19.48 49.27 7.93
CA THR D 110 -18.89 50.51 8.45
C THR D 110 -19.96 51.57 8.72
N ASP D 111 -20.97 51.63 7.86
CA ASP D 111 -22.13 52.52 8.05
C ASP D 111 -22.86 52.19 9.35
N LEU D 112 -23.23 50.92 9.52
CA LEU D 112 -24.01 50.48 10.67
C LEU D 112 -23.24 50.58 11.98
N VAL D 113 -21.92 50.38 11.93
CA VAL D 113 -21.05 50.54 13.10
C VAL D 113 -21.07 52.01 13.55
N ARG D 114 -20.86 52.91 12.60
CA ARG D 114 -20.89 54.35 12.86
C ARG D 114 -22.24 54.80 13.40
N ASP D 115 -23.31 54.42 12.71
CA ASP D 115 -24.65 54.94 13.01
C ASP D 115 -25.28 54.37 14.29
N ASN D 116 -24.90 53.15 14.67
CA ASN D 116 -25.39 52.56 15.91
C ASN D 116 -24.43 52.71 17.09
N SER D 117 -23.30 53.38 16.82
CA SER D 117 -22.32 53.77 17.83
C SER D 117 -21.65 52.59 18.56
N ARG D 118 -21.46 51.47 17.84
CA ARG D 118 -20.84 50.28 18.44
C ARG D 118 -20.19 49.37 17.39
N ASN D 119 -19.03 48.80 17.74
CA ASN D 119 -18.31 47.86 16.88
C ASN D 119 -19.03 46.52 16.74
N ILE D 120 -18.88 45.90 15.58
CA ILE D 120 -19.31 44.51 15.36
C ILE D 120 -18.49 43.85 14.26
N ASP D 121 -18.19 42.57 14.44
CA ASP D 121 -17.58 41.78 13.38
C ASP D 121 -18.63 40.87 12.76
N VAL D 122 -18.40 40.47 11.50
CA VAL D 122 -19.38 39.71 10.74
C VAL D 122 -18.76 38.47 10.12
N SER D 123 -19.38 37.31 10.39
CA SER D 123 -19.03 36.06 9.72
C SER D 123 -20.18 35.67 8.80
N ILE D 124 -19.88 35.51 7.52
CA ILE D 124 -20.94 35.32 6.53
C ILE D 124 -20.50 34.44 5.37
N GLY D 125 -21.36 33.49 5.01
CA GLY D 125 -21.14 32.64 3.86
C GLY D 125 -21.55 33.31 2.57
N VAL D 126 -20.65 33.30 1.59
CA VAL D 126 -20.92 33.87 0.28
C VAL D 126 -20.35 32.96 -0.82
N HIS D 127 -20.53 33.37 -2.08
CA HIS D 127 -19.87 32.70 -3.20
C HIS D 127 -18.88 33.65 -3.87
N LEU D 128 -17.86 33.07 -4.50
CA LEU D 128 -16.94 33.83 -5.33
C LEU D 128 -16.79 33.12 -6.68
N PRO D 129 -16.66 33.89 -7.77
CA PRO D 129 -16.48 33.27 -9.08
C PRO D 129 -15.08 32.67 -9.22
N PRO D 130 -14.89 31.74 -10.17
CA PRO D 130 -13.53 31.28 -10.46
C PRO D 130 -12.67 32.44 -10.96
N SER D 131 -11.41 32.49 -10.54
CA SER D 131 -10.47 33.47 -11.04
C SER D 131 -10.09 33.18 -12.49
N GLU D 132 -9.43 34.14 -13.14
CA GLU D 132 -8.88 33.94 -14.48
C GLU D 132 -7.86 32.80 -14.45
N GLN D 133 -7.11 32.71 -13.34
CA GLN D 133 -6.15 31.64 -13.09
C GLN D 133 -6.80 30.25 -12.98
N ASP D 134 -8.12 30.22 -12.77
CA ASP D 134 -8.87 28.97 -12.66
C ASP D 134 -9.48 28.54 -14.00
N LEU D 135 -9.97 29.51 -14.76
CA LEU D 135 -10.63 29.26 -16.04
C LEU D 135 -9.65 28.71 -17.08
N LEU D 136 -8.45 29.30 -17.12
CA LEU D 136 -7.38 28.85 -18.01
C LEU D 136 -6.96 27.43 -17.67
N GLU D 137 -7.12 27.05 -16.40
CA GLU D 137 -6.77 25.73 -15.91
C GLU D 137 -7.92 24.73 -16.06
N GLY D 138 -9.04 25.19 -16.61
CA GLY D 138 -10.20 24.32 -16.87
C GLY D 138 -11.13 24.16 -15.68
N ASN D 139 -10.80 24.84 -14.58
CA ASN D 139 -11.63 24.83 -13.38
C ASN D 139 -12.56 26.05 -13.37
N ASP D 140 -13.74 25.88 -13.96
CA ASP D 140 -14.72 26.97 -14.07
C ASP D 140 -15.82 26.90 -13.01
N ARG D 141 -15.46 26.38 -11.83
CA ARG D 141 -16.42 26.22 -10.73
C ARG D 141 -16.36 27.38 -9.74
N VAL D 142 -17.48 27.64 -9.06
CA VAL D 142 -17.57 28.73 -8.08
C VAL D 142 -16.94 28.31 -6.75
N ARG D 143 -16.61 29.29 -5.93
CA ARG D 143 -16.02 29.03 -4.62
C ARG D 143 -17.01 29.30 -3.51
N ASN D 144 -17.19 28.31 -2.64
CA ASN D 144 -18.05 28.43 -1.46
C ASN D 144 -17.18 28.92 -0.30
N VAL D 145 -17.33 30.19 0.04
CA VAL D 145 -16.41 30.87 0.95
C VAL D 145 -17.10 31.42 2.19
N LEU D 146 -16.40 31.37 3.32
CA LEU D 146 -16.87 31.99 4.55
C LEU D 146 -15.98 33.19 4.86
N LEU D 147 -16.59 34.37 4.85
CA LEU D 147 -15.86 35.61 5.10
C LEU D 147 -15.94 36.01 6.56
N TYR D 148 -14.83 36.49 7.09
CA TYR D 148 -14.83 37.20 8.35
C TYR D 148 -14.49 38.65 8.06
N ILE D 149 -15.42 39.54 8.41
CA ILE D 149 -15.28 40.97 8.14
C ILE D 149 -15.35 41.72 9.46
N ASP D 150 -14.32 42.50 9.75
CA ASP D 150 -14.24 43.22 11.02
C ASP D 150 -14.99 44.56 10.97
N HIS D 151 -14.99 45.27 12.10
CA HIS D 151 -15.73 46.53 12.23
C HIS D 151 -15.19 47.62 11.31
N GLU D 152 -13.93 47.48 10.88
CA GLU D 152 -13.31 48.38 9.91
C GLU D 152 -13.76 48.06 8.48
N GLY D 153 -14.52 46.98 8.32
CA GLY D 153 -14.96 46.51 7.01
C GLY D 153 -13.90 45.72 6.27
N LYS D 154 -12.82 45.36 6.97
CA LYS D 154 -11.72 44.60 6.37
C LYS D 154 -12.00 43.10 6.41
N ILE D 155 -11.85 42.45 5.27
CA ILE D 155 -11.95 40.98 5.18
C ILE D 155 -10.71 40.34 5.78
N LEU D 156 -10.87 39.74 6.96
CA LEU D 156 -9.75 39.15 7.70
C LEU D 156 -9.45 37.70 7.29
N GLN D 157 -10.45 37.04 6.71
CA GLN D 157 -10.30 35.66 6.27
C GLN D 157 -11.30 35.32 5.17
N GLU D 158 -10.83 34.55 4.19
CA GLU D 158 -11.68 33.93 3.18
C GLU D 158 -11.44 32.42 3.26
N TYR D 159 -12.36 31.69 3.89
CA TYR D 159 -12.23 30.23 3.97
C TYR D 159 -13.07 29.55 2.90
N GLN D 160 -12.39 28.83 2.00
CA GLN D 160 -13.05 28.06 0.95
C GLN D 160 -13.35 26.64 1.41
N LYS D 161 -14.63 26.27 1.34
CA LYS D 161 -15.15 24.98 1.80
C LYS D 161 -14.31 23.79 1.33
N LEU D 162 -13.93 22.96 2.30
CA LEU D 162 -13.03 21.83 2.06
C LEU D 162 -13.74 20.55 1.64
N HIS D 163 -14.84 20.23 2.32
CA HIS D 163 -15.63 19.04 2.03
C HIS D 163 -16.91 19.42 1.31
N LEU D 164 -17.13 18.83 0.13
CA LEU D 164 -18.28 19.18 -0.69
C LEU D 164 -19.40 18.17 -0.62
N PHE D 165 -20.63 18.67 -0.56
CA PHE D 165 -21.82 17.86 -0.32
C PHE D 165 -22.26 17.09 -1.57
N ASP D 166 -21.66 15.91 -1.76
CA ASP D 166 -22.05 14.98 -2.81
C ASP D 166 -22.72 13.76 -2.18
N VAL D 167 -24.06 13.81 -2.12
CA VAL D 167 -24.83 12.87 -1.32
C VAL D 167 -26.17 12.53 -1.99
N ASP D 168 -26.55 11.25 -1.90
CA ASP D 168 -27.92 10.81 -2.16
C ASP D 168 -28.72 10.94 -0.87
N VAL D 169 -29.49 12.03 -0.76
CA VAL D 169 -30.28 12.28 0.46
C VAL D 169 -31.39 11.22 0.60
N PRO D 170 -31.44 10.53 1.76
CA PRO D 170 -32.48 9.54 2.10
C PRO D 170 -33.88 10.12 1.96
N ASN D 171 -34.67 9.54 1.05
CA ASN D 171 -35.98 10.08 0.65
C ASN D 171 -35.90 11.56 0.25
N GLY D 172 -34.82 11.90 -0.46
CA GLY D 172 -34.57 13.27 -0.92
C GLY D 172 -33.87 13.32 -2.27
N PRO D 173 -33.32 14.49 -2.63
CA PRO D 173 -32.68 14.66 -3.94
C PRO D 173 -31.26 14.09 -3.99
N ILE D 174 -30.79 13.78 -5.20
CA ILE D 174 -29.39 13.42 -5.44
C ILE D 174 -28.60 14.70 -5.67
N LEU D 175 -27.79 15.07 -4.68
CA LEU D 175 -27.05 16.33 -4.76
C LEU D 175 -25.57 16.11 -5.04
N LYS D 176 -25.04 16.89 -5.98
CA LYS D 176 -23.61 16.90 -6.27
C LYS D 176 -23.06 18.33 -6.29
N GLU D 177 -22.65 18.81 -5.13
CA GLU D 177 -22.11 20.16 -4.98
C GLU D 177 -20.86 20.38 -5.82
N SER D 178 -20.07 19.32 -5.98
CA SER D 178 -18.79 19.37 -6.69
C SER D 178 -18.91 19.69 -8.19
N LYS D 179 -20.11 19.55 -8.74
CA LYS D 179 -20.38 19.90 -10.14
C LYS D 179 -20.21 21.41 -10.41
N SER D 180 -20.63 22.23 -9.45
CA SER D 180 -20.56 23.69 -9.60
C SER D 180 -19.55 24.35 -8.67
N VAL D 181 -19.17 23.65 -7.60
CA VAL D 181 -18.30 24.23 -6.58
C VAL D 181 -16.94 23.55 -6.54
N GLN D 182 -15.88 24.35 -6.42
CA GLN D 182 -14.52 23.83 -6.30
C GLN D 182 -14.07 23.75 -4.84
N PRO D 183 -13.42 22.63 -4.44
CA PRO D 183 -13.02 22.48 -3.04
C PRO D 183 -11.87 23.41 -2.64
N GLY D 184 -11.79 23.73 -1.35
CA GLY D 184 -10.71 24.57 -0.82
C GLY D 184 -9.38 23.86 -0.77
N LYS D 185 -8.32 24.64 -0.58
CA LYS D 185 -6.96 24.10 -0.59
C LYS D 185 -6.25 24.22 0.76
N ALA D 186 -6.89 24.86 1.73
CA ALA D 186 -6.24 25.16 3.01
C ALA D 186 -7.14 25.04 4.24
N ILE D 187 -6.54 24.64 5.35
CA ILE D 187 -7.16 24.74 6.66
C ILE D 187 -7.17 26.22 7.06
N PRO D 188 -8.35 26.76 7.45
CA PRO D 188 -8.44 28.17 7.82
C PRO D 188 -7.75 28.49 9.14
N ASP D 189 -7.01 29.60 9.18
CA ASP D 189 -6.36 30.08 10.40
C ASP D 189 -7.38 30.37 11.49
N ILE D 190 -6.95 30.25 12.75
CA ILE D 190 -7.77 30.70 13.88
C ILE D 190 -7.86 32.22 13.86
N ILE D 191 -9.08 32.73 14.01
CA ILE D 191 -9.33 34.17 14.09
C ILE D 191 -9.41 34.60 15.56
N GLU D 192 -8.57 35.55 15.93
CA GLU D 192 -8.67 36.16 17.25
C GLU D 192 -9.79 37.19 17.27
N SER D 193 -11.01 36.69 17.43
CA SER D 193 -12.23 37.51 17.42
C SER D 193 -12.46 38.17 18.78
N PRO D 194 -13.37 39.17 18.84
CA PRO D 194 -13.75 39.80 20.12
C PRO D 194 -14.34 38.80 21.12
N LEU D 195 -14.85 37.67 20.63
CA LEU D 195 -15.40 36.62 21.50
C LEU D 195 -14.33 35.64 21.96
N GLY D 196 -13.17 35.72 21.33
CA GLY D 196 -12.09 34.77 21.58
C GLY D 196 -11.68 34.06 20.30
N LYS D 197 -10.88 33.01 20.45
CA LYS D 197 -10.29 32.30 19.32
C LYS D 197 -11.34 31.49 18.55
N LEU D 198 -11.50 31.84 17.28
CA LEU D 198 -12.55 31.30 16.43
C LEU D 198 -12.01 30.40 15.34
N GLY D 199 -12.60 29.22 15.21
CA GLY D 199 -12.29 28.30 14.12
C GLY D 199 -13.45 28.25 13.17
N SER D 200 -13.16 28.36 11.88
CA SER D 200 -14.21 28.46 10.86
C SER D 200 -14.36 27.18 10.03
N ALA D 201 -15.62 26.85 9.73
CA ALA D 201 -15.95 25.73 8.87
C ALA D 201 -17.29 25.98 8.18
N ILE D 202 -17.58 25.20 7.15
CA ILE D 202 -18.85 25.30 6.45
C ILE D 202 -19.51 23.92 6.37
N CYS D 203 -20.85 23.86 6.35
CA CYS D 203 -21.83 22.78 6.41
C CYS D 203 -21.40 21.34 6.30
N TYR D 204 -21.13 20.76 5.17
CA TYR D 204 -20.68 19.35 5.19
C TYR D 204 -19.44 19.14 6.05
N ASP D 205 -18.65 20.19 6.23
CA ASP D 205 -17.42 20.18 7.05
C ASP D 205 -17.66 19.58 8.44
N ILE D 206 -18.85 19.82 8.99
CA ILE D 206 -19.19 19.36 10.34
C ILE D 206 -19.11 17.83 10.50
N ARG D 207 -19.30 17.11 9.40
CA ARG D 207 -19.37 15.65 9.42
C ARG D 207 -17.99 14.97 9.52
N PHE D 208 -16.93 15.77 9.42
CA PHE D 208 -15.57 15.26 9.39
C PHE D 208 -14.85 15.68 10.66
N PRO D 209 -14.96 14.86 11.73
CA PRO D 209 -14.52 15.25 13.07
C PRO D 209 -13.06 15.70 13.14
N GLU D 210 -12.20 15.10 12.31
CA GLU D 210 -10.79 15.47 12.29
C GLU D 210 -10.56 16.97 12.01
N PHE D 211 -11.47 17.58 11.27
CA PHE D 211 -11.40 19.01 10.96
C PHE D 211 -11.61 19.85 12.23
N SER D 212 -12.73 19.60 12.92
CA SER D 212 -13.00 20.26 14.20
C SER D 212 -11.90 20.02 15.25
N LEU D 213 -11.36 18.79 15.28
CA LEU D 213 -10.28 18.46 16.21
C LEU D 213 -9.02 19.26 15.90
N LYS D 214 -8.72 19.40 14.62
CA LYS D 214 -7.57 20.18 14.17
C LYS D 214 -7.73 21.65 14.58
N LEU D 215 -8.95 22.18 14.43
CA LEU D 215 -9.21 23.57 14.82
C LEU D 215 -9.00 23.79 16.32
N ARG D 216 -9.44 22.85 17.14
CA ARG D 216 -9.18 22.93 18.59
C ARG D 216 -7.68 22.83 18.89
N SER D 217 -6.97 21.94 18.20
CA SER D 217 -5.52 21.80 18.37
C SER D 217 -4.78 23.10 18.05
N MET D 218 -5.29 23.84 17.07
CA MET D 218 -4.72 25.13 16.68
C MET D 218 -5.13 26.25 17.63
N GLY D 219 -6.00 25.94 18.59
CA GLY D 219 -6.32 26.87 19.67
C GLY D 219 -7.72 27.44 19.68
N ALA D 220 -8.62 26.88 18.86
CA ALA D 220 -10.01 27.35 18.83
C ALA D 220 -10.69 27.23 20.19
N GLU D 221 -11.48 28.25 20.52
CA GLU D 221 -12.33 28.25 21.71
C GLU D 221 -13.79 28.23 21.27
N ILE D 222 -14.02 28.69 20.04
CA ILE D 222 -15.35 28.75 19.43
C ILE D 222 -15.27 28.19 18.01
N LEU D 223 -16.25 27.36 17.66
CA LEU D 223 -16.37 26.85 16.30
C LEU D 223 -17.70 27.30 15.69
N CYS D 224 -17.69 27.58 14.39
CA CYS D 224 -18.92 27.96 13.71
C CYS D 224 -19.13 27.09 12.48
N PHE D 225 -20.37 26.66 12.29
CA PHE D 225 -20.76 25.85 11.14
C PHE D 225 -21.94 26.47 10.38
N PRO D 226 -21.72 27.65 9.75
CA PRO D 226 -22.74 28.20 8.85
C PRO D 226 -23.14 27.14 7.83
N SER D 227 -24.44 26.91 7.69
CA SER D 227 -24.92 25.75 6.96
C SER D 227 -26.17 26.02 6.14
N ALA D 228 -26.38 25.14 5.16
CA ALA D 228 -27.65 25.02 4.45
C ALA D 228 -28.02 23.53 4.43
N PHE D 229 -28.57 23.06 5.56
CA PHE D 229 -28.90 21.65 5.78
C PHE D 229 -30.23 21.26 5.19
N THR D 230 -30.29 20.05 4.62
CA THR D 230 -31.53 19.49 4.11
C THR D 230 -32.47 19.16 5.27
N ILE D 231 -33.75 18.98 4.96
CA ILE D 231 -34.76 18.61 5.94
C ILE D 231 -34.48 17.23 6.53
N LYS D 232 -34.27 16.24 5.66
CA LYS D 232 -34.08 14.85 6.05
C LYS D 232 -32.85 14.65 6.94
N THR D 233 -31.72 15.24 6.55
CA THR D 233 -30.49 15.10 7.34
C THR D 233 -30.50 16.03 8.55
N GLY D 234 -31.14 17.19 8.42
CA GLY D 234 -31.31 18.13 9.53
C GLY D 234 -32.10 17.55 10.68
N GLU D 235 -33.26 16.97 10.37
CA GLU D 235 -34.09 16.31 11.37
C GLU D 235 -33.32 15.21 12.11
N ALA D 236 -32.56 14.43 11.35
CA ALA D 236 -31.77 13.33 11.89
C ALA D 236 -30.52 13.77 12.66
N HIS D 237 -29.74 14.68 12.08
CA HIS D 237 -28.36 14.89 12.54
C HIS D 237 -27.91 16.31 12.95
N TRP D 238 -28.70 17.33 12.61
CA TRP D 238 -28.28 18.73 12.88
C TRP D 238 -27.87 18.97 14.33
N GLU D 239 -28.81 18.77 15.25
CA GLU D 239 -28.55 18.99 16.67
C GLU D 239 -27.46 18.04 17.21
N LEU D 240 -27.52 16.78 16.80
CA LEU D 240 -26.53 15.78 17.19
C LEU D 240 -25.09 16.19 16.84
N LEU D 241 -24.88 16.58 15.57
CA LEU D 241 -23.55 16.95 15.09
C LEU D 241 -23.00 18.18 15.81
N GLY D 242 -23.82 19.22 15.93
CA GLY D 242 -23.42 20.42 16.66
C GLY D 242 -23.02 20.13 18.10
N ARG D 243 -23.85 19.37 18.80
CA ARG D 243 -23.59 18.99 20.19
C ARG D 243 -22.37 18.09 20.33
N ALA D 244 -22.24 17.14 19.40
CA ALA D 244 -21.08 16.25 19.35
C ALA D 244 -19.77 17.03 19.19
N ARG D 245 -19.74 17.96 18.24
CA ARG D 245 -18.54 18.77 18.01
C ARG D 245 -18.20 19.62 19.23
N ALA D 246 -19.22 20.20 19.87
CA ALA D 246 -19.00 21.00 21.08
C ALA D 246 -18.35 20.15 22.16
N VAL D 247 -18.90 18.95 22.37
CA VAL D 247 -18.40 18.03 23.40
C VAL D 247 -17.02 17.46 23.06
N ASP D 248 -16.82 17.06 21.80
CA ASP D 248 -15.54 16.55 21.30
C ASP D 248 -14.40 17.57 21.48
N THR D 249 -14.70 18.84 21.21
CA THR D 249 -13.66 19.87 21.15
C THR D 249 -13.59 20.75 22.40
N GLN D 250 -14.63 20.69 23.24
CA GLN D 250 -14.77 21.59 24.39
C GLN D 250 -14.74 23.05 23.94
N CYS D 251 -15.51 23.33 22.88
CA CYS D 251 -15.64 24.67 22.34
C CYS D 251 -17.12 25.06 22.33
N TYR D 252 -17.37 26.36 22.42
CA TYR D 252 -18.69 26.89 22.06
C TYR D 252 -18.90 26.62 20.58
N VAL D 253 -20.11 26.21 20.23
CA VAL D 253 -20.42 25.90 18.83
C VAL D 253 -21.60 26.73 18.35
N LEU D 254 -21.38 27.43 17.24
CA LEU D 254 -22.37 28.33 16.65
C LEU D 254 -22.86 27.71 15.35
N MET D 255 -24.18 27.59 15.23
CA MET D 255 -24.77 26.93 14.08
CA MET D 255 -24.78 26.92 14.10
C MET D 255 -25.76 27.84 13.34
N PRO D 256 -25.25 28.72 12.47
CA PRO D 256 -26.15 29.56 11.67
C PRO D 256 -26.69 28.77 10.47
N GLY D 257 -28.01 28.60 10.41
CA GLY D 257 -28.61 27.81 9.33
C GLY D 257 -29.61 28.56 8.47
N GLN D 258 -29.61 28.23 7.18
CA GLN D 258 -30.68 28.64 6.26
C GLN D 258 -31.96 27.95 6.72
N VAL D 259 -33.11 28.60 6.48
CA VAL D 259 -34.40 28.02 6.88
C VAL D 259 -35.44 28.13 5.76
N GLY D 260 -36.39 27.19 5.77
CA GLY D 260 -37.60 27.26 4.92
C GLY D 260 -37.42 27.01 3.43
N MET D 261 -38.47 27.31 2.68
CA MET D 261 -38.50 27.12 1.23
C MET D 261 -37.91 28.33 0.52
N HIS D 262 -36.90 28.07 -0.32
CA HIS D 262 -36.17 29.15 -0.99
C HIS D 262 -36.82 29.57 -2.31
N ASP D 263 -36.98 30.88 -2.49
CA ASP D 263 -37.46 31.45 -3.75
C ASP D 263 -36.28 31.74 -4.66
N LEU D 264 -36.07 30.87 -5.65
CA LEU D 264 -34.89 30.95 -6.50
C LEU D 264 -35.16 31.66 -7.85
N SER D 265 -36.20 32.48 -7.89
CA SER D 265 -36.60 33.21 -9.10
C SER D 265 -35.52 34.17 -9.60
N ASP D 266 -35.29 34.14 -10.91
CA ASP D 266 -34.36 35.06 -11.56
C ASP D 266 -34.80 35.29 -13.00
N PRO D 267 -35.69 36.29 -13.23
CA PRO D 267 -36.25 36.54 -14.57
C PRO D 267 -35.20 36.82 -15.64
N GLU D 268 -34.13 37.52 -15.28
CA GLU D 268 -33.04 37.84 -16.21
C GLU D 268 -32.26 36.60 -16.65
N TRP D 269 -31.93 35.72 -15.70
CA TRP D 269 -31.20 34.49 -16.02
C TRP D 269 -32.08 33.44 -16.71
N GLU D 270 -33.34 33.33 -16.29
CA GLU D 270 -34.27 32.34 -16.83
C GLU D 270 -34.45 32.45 -18.35
N LYS D 271 -34.04 33.60 -18.90
CA LYS D 271 -33.99 33.82 -20.35
C LYS D 271 -33.06 32.80 -21.04
N GLN D 272 -31.99 32.42 -20.35
CA GLN D 272 -31.01 31.46 -20.87
C GLN D 272 -30.76 30.31 -19.90
N SER D 282 -38.43 20.80 -8.55
CA SER D 282 -37.41 20.59 -7.53
C SER D 282 -37.38 21.75 -6.54
N ARG D 283 -37.96 21.53 -5.36
CA ARG D 283 -38.09 22.57 -4.35
C ARG D 283 -36.99 22.47 -3.29
N ARG D 284 -36.27 23.57 -3.09
CA ARG D 284 -35.14 23.60 -2.16
C ARG D 284 -35.58 24.14 -0.80
N GLU D 285 -35.39 23.33 0.24
CA GLU D 285 -35.86 23.65 1.58
C GLU D 285 -34.82 23.34 2.65
N SER D 286 -34.53 24.33 3.50
CA SER D 286 -33.52 24.20 4.56
C SER D 286 -34.12 23.98 5.96
N TRP D 287 -33.36 23.28 6.81
CA TRP D 287 -33.79 22.83 8.13
C TRP D 287 -33.97 23.95 9.17
N GLY D 288 -33.10 24.95 9.15
CA GLY D 288 -33.11 26.01 10.15
C GLY D 288 -32.61 25.52 11.49
N HIS D 289 -33.41 25.72 12.53
CA HIS D 289 -33.06 25.31 13.91
C HIS D 289 -31.68 25.84 14.32
N SER D 290 -31.38 27.08 13.94
CA SER D 290 -30.12 27.71 14.32
C SER D 290 -29.97 27.69 15.84
N MET D 291 -28.75 27.47 16.30
CA MET D 291 -28.52 27.33 17.73
C MET D 291 -27.09 27.68 18.15
N VAL D 292 -26.94 27.88 19.45
CA VAL D 292 -25.65 28.08 20.11
C VAL D 292 -25.50 27.02 21.19
N ILE D 293 -24.33 26.38 21.22
CA ILE D 293 -24.08 25.26 22.12
C ILE D 293 -22.83 25.52 22.96
N ASP D 294 -22.91 25.24 24.25
CA ASP D 294 -21.77 25.43 25.14
C ASP D 294 -20.82 24.22 25.08
N PRO D 295 -19.60 24.36 25.65
CA PRO D 295 -18.57 23.32 25.57
C PRO D 295 -18.94 22.00 26.26
N TRP D 296 -20.02 22.00 27.02
CA TRP D 296 -20.53 20.79 27.68
C TRP D 296 -21.64 20.15 26.84
N GLY D 297 -22.01 20.80 25.75
CA GLY D 297 -23.03 20.27 24.85
C GLY D 297 -24.44 20.75 25.12
N LYS D 298 -24.60 21.68 26.05
CA LYS D 298 -25.92 22.24 26.35
C LYS D 298 -26.28 23.34 25.36
N ILE D 299 -27.48 23.25 24.81
CA ILE D 299 -28.03 24.28 23.92
C ILE D 299 -28.41 25.49 24.75
N ILE D 300 -27.79 26.62 24.49
CA ILE D 300 -28.01 27.81 25.30
C ILE D 300 -28.84 28.87 24.58
N ALA D 301 -28.95 28.72 23.26
CA ALA D 301 -29.80 29.57 22.41
C ALA D 301 -30.28 28.74 21.24
N HIS D 302 -31.49 29.01 20.78
CA HIS D 302 -32.10 28.24 19.68
C HIS D 302 -33.17 29.08 18.99
N ALA D 303 -33.19 29.02 17.66
CA ALA D 303 -34.19 29.72 16.85
C ALA D 303 -35.62 29.38 17.28
N ASP D 304 -36.50 30.38 17.23
CA ASP D 304 -37.91 30.15 17.49
C ASP D 304 -38.53 29.44 16.28
N PRO D 305 -39.08 28.23 16.50
CA PRO D 305 -39.63 27.44 15.40
C PRO D 305 -40.83 28.07 14.68
N SER D 306 -41.57 28.93 15.38
CA SER D 306 -42.74 29.59 14.80
C SER D 306 -42.39 30.73 13.85
N THR D 307 -41.48 31.60 14.29
CA THR D 307 -41.04 32.76 13.49
C THR D 307 -40.71 32.38 12.05
N VAL D 308 -41.44 32.98 11.11
CA VAL D 308 -41.23 32.74 9.68
C VAL D 308 -40.16 33.68 9.12
N GLY D 309 -39.23 33.12 8.37
CA GLY D 309 -38.15 33.91 7.76
C GLY D 309 -37.09 34.36 8.76
N PRO D 310 -36.38 35.46 8.46
CA PRO D 310 -35.18 35.86 9.20
C PRO D 310 -35.39 36.06 10.69
N GLN D 311 -34.43 35.58 11.50
CA GLN D 311 -34.43 35.85 12.95
C GLN D 311 -33.02 35.80 13.52
N LEU D 312 -32.87 36.41 14.69
CA LEU D 312 -31.58 36.48 15.36
C LEU D 312 -31.69 35.89 16.76
N ILE D 313 -30.71 35.06 17.11
CA ILE D 313 -30.60 34.53 18.47
C ILE D 313 -29.32 35.04 19.12
N LEU D 314 -29.37 35.20 20.44
CA LEU D 314 -28.27 35.77 21.19
C LEU D 314 -27.85 34.84 22.31
N ALA D 315 -26.56 34.86 22.62
CA ALA D 315 -26.01 34.09 23.72
C ALA D 315 -24.78 34.80 24.27
N ASP D 316 -24.62 34.72 25.59
CA ASP D 316 -23.42 35.26 26.24
C ASP D 316 -22.44 34.12 26.49
N LEU D 317 -21.28 34.21 25.86
CA LEU D 317 -20.26 33.17 25.98
C LEU D 317 -19.35 33.43 27.17
N ASP D 318 -19.23 32.40 28.02
CA ASP D 318 -18.47 32.48 29.26
C ASP D 318 -17.12 31.77 29.13
N ARG D 319 -16.04 32.54 29.05
CA ARG D 319 -14.68 32.00 28.90
C ARG D 319 -14.24 31.19 30.12
N GLU D 320 -14.77 31.52 31.29
CA GLU D 320 -14.45 30.81 32.53
C GLU D 320 -15.03 29.40 32.58
N LEU D 321 -16.28 29.25 32.10
CA LEU D 321 -16.91 27.92 31.97
C LEU D 321 -16.12 27.04 31.00
N LEU D 322 -15.72 27.63 29.88
CA LEU D 322 -14.89 26.94 28.89
C LEU D 322 -13.56 26.49 29.48
N GLN D 323 -12.89 27.39 30.19
CA GLN D 323 -11.63 27.08 30.85
C GLN D 323 -11.81 25.99 31.92
N GLU D 324 -12.87 26.11 32.72
CA GLU D 324 -13.21 25.14 33.77
C GLU D 324 -13.43 23.73 33.21
N ILE D 325 -14.22 23.65 32.14
CA ILE D 325 -14.49 22.36 31.48
C ILE D 325 -13.18 21.73 30.99
N ARG D 326 -12.32 22.55 30.38
CA ARG D 326 -11.04 22.08 29.85
C ARG D 326 -10.08 21.65 30.97
N ASN D 327 -10.11 22.37 32.10
CA ASN D 327 -9.26 22.05 33.24
CA ASN D 327 -9.27 22.05 33.24
C ASN D 327 -9.66 20.73 33.90
N LYS D 328 -10.97 20.50 33.99
CA LYS D 328 -11.53 19.34 34.68
C LYS D 328 -11.43 18.05 33.88
N MET D 329 -11.60 18.15 32.57
CA MET D 329 -11.43 17.02 31.65
C MET D 329 -10.41 17.43 30.59
N PRO D 330 -9.10 17.27 30.90
CA PRO D 330 -8.04 17.79 30.03
C PRO D 330 -7.77 16.95 28.78
N LEU D 331 -8.78 16.85 27.92
CA LEU D 331 -8.73 16.00 26.72
C LEU D 331 -7.50 16.25 25.84
N TRP D 332 -7.08 17.51 25.69
CA TRP D 332 -5.92 17.82 24.85
C TRP D 332 -4.55 17.51 25.47
N ASN D 333 -4.56 17.14 26.75
CA ASN D 333 -3.37 16.62 27.41
C ASN D 333 -3.37 15.08 27.44
N GLN D 334 -4.37 14.47 26.82
CA GLN D 334 -4.61 13.04 27.00
C GLN D 334 -4.69 12.25 25.70
N ARG D 335 -4.49 12.93 24.57
CA ARG D 335 -4.59 12.29 23.25
C ARG D 335 -3.41 11.37 23.02
N ARG D 336 -3.59 10.37 22.16
CA ARG D 336 -2.52 9.44 21.85
C ARG D 336 -1.90 9.77 20.49
N ASP D 337 -1.21 10.91 20.44
CA ASP D 337 -0.53 11.39 19.23
C ASP D 337 0.50 10.38 18.71
N ASP D 338 1.02 9.55 19.62
CA ASP D 338 1.95 8.48 19.26
C ASP D 338 1.33 7.43 18.34
N LEU D 339 0.01 7.24 18.44
CA LEU D 339 -0.70 6.24 17.64
C LEU D 339 -1.58 6.82 16.53
N PHE D 340 -2.15 8.01 16.77
CA PHE D 340 -3.09 8.62 15.81
C PHE D 340 -2.55 9.89 15.20
#